data_9GSE
#
_entry.id   9GSE
#
_cell.length_a   1.00
_cell.length_b   1.00
_cell.length_c   1.00
_cell.angle_alpha   90.00
_cell.angle_beta   90.00
_cell.angle_gamma   90.00
#
_symmetry.space_group_name_H-M   'P 1'
#
loop_
_entity.id
_entity.type
_entity.pdbx_description
1 polymer 'Plasma membrane calcium-transporting ATPase 2'
2 polymer Neuroplastin
3 non-polymer '(2S)-1-{[(R)-hydroxy{[(1R,2R,3S,4R,5R,6S)-2,3,6-trihydroxy-4,5-bis(phosphonooxy)cyclohexyl]oxy}phosphoryl]oxy}-3-(octadecanoyloxy)propan-2-yl icosa-5,8,11,14-tetraenoate'
4 non-polymer 2-acetamido-2-deoxy-beta-D-glucopyranose
#
loop_
_entity_poly.entity_id
_entity_poly.type
_entity_poly.pdbx_seq_one_letter_code
_entity_poly.pdbx_strand_id
1 'polypeptide(L)'
;MGDMTNSDFYSKNQRNESSHGGEFGCTMEELRSLMELRGTEAVVKIKETYGDTEAICRRLKTSPVEGLPGTAPDLEKRKQ
IFGQNFIPPKKPKTFLQLVWEALQDVTLIILEIAAIISLGLSFYHPPGESNEGCATAQGGAEDEGEAEAGWIEGAAILLS
VICVVLVTAFNDWSKEKQFRGLQSRIEQEQKFTVVRAGQVVQIPVAEIVVGDIAQIKYGDLLPADGLFIQGNDLKIDESS
LTGESDQVRKSVDKDPMLLSGTHVMEGSGRMVVTAVGVNSQTGIIFTLLGAGGEEEEKKDKKAKQQDGAAAMEMQPLKSA
EGGDADDKKKANMHKKEKSVLQGKLTKLAVQIGKAGLVMSAITVIILVLYFTVDTFVVNKKPWLTECTPVYVQYFVKFFI
IGVTVLVVAVPEGLPLAVTISLAYSVKKMMKDNNLVRHLDACETMGNATAICSDKTGTLTTNRMTVVQAYVGDVHYKEIP
DPSSINAKTLELLVNAIAINSAYTTKILPPEKEGALPRQVGNKTECGLLGFVLDLRQDYEPVRSQMPEEKLYKVYTFNSV
RKSMSTVIKMPDESFRMYSKGASEIVLKKCCKILSGAGEARVFRPRDRDEMVKKVIEPMACDGLRTICVAYRDFPSSPEP
DWDNENDILNELTCICVVGIEDPVRPEVPEAIRKCQRAGITVRMVTGDNINTARAIAIKCGIIHPGEDFLCLEGKEFNRR
IRNEKGEIEQERIDKIWPKLRVLARSSPTDKHTLVKGIIDSTHTEQRQVVAVTGDGTNDGPALKKADVGFAMGIAGTDVA
KEASDIILTDDNFSSIVKAVMWGRNVYDSISKFLQFQLTVNVVAVIVAFTGACITQDSPLKAVQMLWVNLIMDTFASLAL
ATEPPTETLLLRKPYGRNKPLISRTMMKNILGHAVYQLTLIFTLLFVGEKMFQIDSGRNAPLHSPPSEHYTIIFNTFVMM
QLFNEINARKIHGERNVFDGIFRNPIFCTIVLGTFAIQIVIVQFGGKPFSCSPLQLDQWMWCIFIGLGELVWGQVIATIP
TSRLKFLKEAGRLTQKEEIPEEELNEDVEEIDHAERELRRGQILWFRGLNRIQTQIRVVKAFRSSLYEGLEKPESRTSIH
NFMAHPEFRIEDSQPHIPLIDDTDLEEDAALKQNSSPPSSLNKNNSAIDSGINLTTDTSKSATSSSPGSPIHSLETSLEN
LYFQGGDYKDDDDK
;
A
2 'polypeptide(L)'
;MSGSSLPGALALSLLLVSGSLLPGPGAAQNAGFVKSPMSETKLTGDAFELYCDVVGSPTPEIQWWYAEVNRAESFRQLWD
GARKRRVTVNTAYGSNGVSVLRITRLTLEDSGTYECRASNDPKRNDLRQNPSITWIRAQATISVLQKPRIVTSEEVIIRE
SLLPVTLQCNLTSSSHTLMYSYWTRNGVELTATRKNASNMEYRINKPRAEDSGEYHCVYHFVSAPKANATIEVKAAPDIT
GHKRSENKNEGQDAMMYCKSVGYPHPEWIWRKKENGVFEEISNSSGRFFITNKENYTELSIVNLQITEDPGEYECNATNS
IGSASVSTVLRVRSHLAPLWPFLGILAEIIILVVIIVVYEKRKRPDEVPDDDEPAGPMKTNSTNNHKDKNLRQRNTNENL
YFQGGHHHHHHHH
;
B
#
loop_
_chem_comp.id
_chem_comp.type
_chem_comp.name
_chem_comp.formula
KXP non-polymer '(2S)-1-{[(R)-hydroxy{[(1R,2R,3S,4R,5R,6S)-2,3,6-trihydroxy-4,5-bis(phosphonooxy)cyclohexyl]oxy}phosphoryl]oxy}-3-(octadecanoyloxy)propan-2-yl icosa-5,8,11,14-tetraenoate' 'C47 H85 O19 P3'
NAG D-saccharide, beta linking 2-acetamido-2-deoxy-beta-D-glucopyranose 'C8 H15 N O6'
#
# COMPACT_ATOMS: atom_id res chain seq x y z
N GLU A 29 -28.52 -33.56 -11.86
CA GLU A 29 -29.01 -34.85 -12.33
C GLU A 29 -29.00 -35.87 -11.19
N GLU A 30 -29.12 -37.15 -11.56
CA GLU A 30 -29.07 -38.21 -10.56
C GLU A 30 -27.69 -38.36 -9.92
N LEU A 31 -26.67 -37.72 -10.49
CA LEU A 31 -25.32 -37.84 -9.95
C LEU A 31 -25.22 -37.27 -8.54
N ARG A 32 -26.06 -36.28 -8.20
CA ARG A 32 -25.97 -35.68 -6.87
C ARG A 32 -26.26 -36.72 -5.79
N SER A 33 -27.27 -37.56 -6.00
CA SER A 33 -27.56 -38.62 -5.05
C SER A 33 -26.59 -39.79 -5.17
N LEU A 34 -25.79 -39.84 -6.24
CA LEU A 34 -24.92 -40.98 -6.47
C LEU A 34 -23.72 -40.97 -5.53
N MET A 35 -23.39 -39.82 -4.95
CA MET A 35 -22.28 -39.72 -3.99
C MET A 35 -22.70 -40.27 -2.64
N GLU A 36 -21.91 -39.96 -1.61
CA GLU A 36 -22.08 -40.44 -0.23
C GLU A 36 -22.28 -41.96 -0.20
N LEU A 37 -21.32 -42.66 -0.78
CA LEU A 37 -21.26 -44.12 -0.69
C LEU A 37 -21.10 -44.55 0.76
N ARG A 38 -19.96 -44.21 1.35
CA ARG A 38 -19.65 -44.56 2.74
C ARG A 38 -19.82 -46.05 2.98
N GLY A 39 -19.14 -46.85 2.15
CA GLY A 39 -19.22 -48.30 2.29
C GLY A 39 -19.33 -49.05 0.98
N THR A 40 -20.38 -49.85 0.84
CA THR A 40 -20.60 -50.67 -0.35
C THR A 40 -22.05 -50.59 -0.81
N GLU A 41 -22.63 -49.39 -0.76
CA GLU A 41 -23.99 -49.13 -1.21
C GLU A 41 -24.04 -48.57 -2.62
N ALA A 42 -23.32 -47.47 -2.88
CA ALA A 42 -23.32 -46.85 -4.19
C ALA A 42 -22.77 -47.77 -5.27
N VAL A 43 -21.94 -48.74 -4.92
CA VAL A 43 -21.49 -49.72 -5.92
C VAL A 43 -22.68 -50.55 -6.41
N VAL A 44 -23.51 -51.04 -5.50
CA VAL A 44 -24.69 -51.76 -5.94
C VAL A 44 -25.68 -50.82 -6.61
N LYS A 45 -25.66 -49.53 -6.23
CA LYS A 45 -26.53 -48.57 -6.90
C LYS A 45 -26.14 -48.38 -8.36
N ILE A 46 -24.84 -48.24 -8.64
CA ILE A 46 -24.40 -48.11 -10.02
C ILE A 46 -24.59 -49.42 -10.75
N LYS A 47 -24.52 -50.56 -10.05
CA LYS A 47 -24.86 -51.83 -10.66
C LYS A 47 -26.32 -51.84 -11.12
N GLU A 48 -27.22 -51.36 -10.27
CA GLU A 48 -28.63 -51.32 -10.62
C GLU A 48 -28.90 -50.34 -11.77
N THR A 49 -28.25 -49.18 -11.75
CA THR A 49 -28.56 -48.15 -12.73
C THR A 49 -27.95 -48.47 -14.09
N TYR A 50 -26.63 -48.63 -14.16
CA TYR A 50 -25.95 -48.86 -15.43
C TYR A 50 -25.05 -50.09 -15.44
N GLY A 51 -24.90 -50.78 -14.32
CA GLY A 51 -24.02 -51.93 -14.24
C GLY A 51 -22.61 -51.63 -13.72
N ASP A 52 -21.80 -50.93 -14.51
CA ASP A 52 -20.40 -50.74 -14.16
C ASP A 52 -19.97 -49.31 -14.45
N THR A 53 -18.70 -49.01 -14.14
CA THR A 53 -18.18 -47.66 -14.33
C THR A 53 -18.04 -47.32 -15.81
N GLU A 54 -17.67 -48.29 -16.64
CA GLU A 54 -17.55 -48.01 -18.06
C GLU A 54 -18.90 -47.63 -18.66
N ALA A 55 -20.00 -48.16 -18.10
CA ALA A 55 -21.32 -47.86 -18.66
C ALA A 55 -21.68 -46.40 -18.47
N ILE A 56 -21.50 -45.87 -17.26
CA ILE A 56 -21.73 -44.44 -17.05
C ILE A 56 -20.71 -43.63 -17.83
N CYS A 57 -19.51 -44.17 -18.03
CA CYS A 57 -18.52 -43.47 -18.84
C CYS A 57 -19.02 -43.27 -20.28
N ARG A 58 -19.56 -44.33 -20.90
CA ARG A 58 -20.10 -44.19 -22.25
C ARG A 58 -21.34 -43.30 -22.29
N ARG A 59 -22.24 -43.46 -21.31
CA ARG A 59 -23.45 -42.65 -21.32
C ARG A 59 -23.09 -41.17 -21.19
N LEU A 60 -22.00 -40.86 -20.47
CA LEU A 60 -21.60 -39.49 -20.18
C LEU A 60 -21.25 -38.67 -21.41
N LYS A 61 -21.32 -39.29 -22.61
CA LYS A 61 -20.87 -38.67 -23.85
C LYS A 61 -19.42 -38.25 -23.75
N THR A 62 -18.64 -39.05 -23.01
CA THR A 62 -17.27 -38.74 -22.68
C THR A 62 -16.38 -39.89 -23.13
N SER A 63 -15.27 -39.56 -23.79
CA SER A 63 -14.33 -40.59 -24.22
C SER A 63 -13.71 -41.26 -23.00
N PRO A 64 -13.54 -42.58 -23.04
CA PRO A 64 -12.95 -43.29 -21.89
C PRO A 64 -11.45 -43.03 -21.74
N VAL A 65 -10.81 -43.82 -20.87
CA VAL A 65 -9.49 -43.53 -20.32
C VAL A 65 -8.44 -43.20 -21.39
N GLU A 66 -8.63 -43.71 -22.62
CA GLU A 66 -7.65 -43.45 -23.66
C GLU A 66 -7.49 -41.96 -23.93
N GLY A 67 -8.59 -41.20 -23.88
CA GLY A 67 -8.49 -39.76 -24.10
C GLY A 67 -9.81 -39.01 -24.02
N LEU A 68 -9.89 -37.93 -24.78
CA LEU A 68 -11.07 -37.06 -24.84
C LEU A 68 -10.95 -36.16 -26.07
N PRO A 69 -12.03 -35.96 -26.83
CA PRO A 69 -11.92 -35.12 -28.04
C PRO A 69 -11.43 -33.71 -27.76
N GLY A 70 -11.86 -33.11 -26.65
CA GLY A 70 -11.37 -31.80 -26.27
C GLY A 70 -11.78 -30.65 -27.17
N THR A 71 -12.78 -30.84 -28.02
CA THR A 71 -13.25 -29.76 -28.88
C THR A 71 -13.90 -28.67 -28.04
N ALA A 72 -13.61 -27.41 -28.38
CA ALA A 72 -14.08 -26.29 -27.58
C ALA A 72 -15.60 -26.22 -27.47
N PRO A 73 -16.38 -26.30 -28.55
CA PRO A 73 -17.84 -26.21 -28.38
C PRO A 73 -18.41 -27.29 -27.49
N ASP A 74 -17.94 -28.53 -27.61
CA ASP A 74 -18.50 -29.62 -26.81
C ASP A 74 -18.14 -29.45 -25.33
N LEU A 75 -16.89 -29.08 -25.04
CA LEU A 75 -16.50 -28.88 -23.65
C LEU A 75 -17.23 -27.69 -23.04
N GLU A 76 -17.41 -26.61 -23.80
CA GLU A 76 -18.15 -25.47 -23.27
C GLU A 76 -19.62 -25.83 -23.06
N LYS A 77 -20.20 -26.63 -23.95
CA LYS A 77 -21.58 -27.05 -23.81
C LYS A 77 -21.75 -27.89 -22.56
N ARG A 78 -20.92 -28.92 -22.38
CA ARG A 78 -21.02 -29.76 -21.20
C ARG A 78 -20.61 -29.01 -19.94
N LYS A 79 -19.90 -27.90 -20.09
CA LYS A 79 -19.63 -27.04 -18.94
C LYS A 79 -20.86 -26.22 -18.55
N GLN A 80 -21.66 -25.79 -19.51
CA GLN A 80 -22.87 -25.04 -19.16
C GLN A 80 -23.95 -25.93 -18.58
N ILE A 81 -24.44 -26.89 -19.37
CA ILE A 81 -25.60 -27.66 -18.97
C ILE A 81 -25.21 -28.88 -18.14
N PHE A 82 -24.16 -29.59 -18.53
CA PHE A 82 -23.77 -30.82 -17.85
C PHE A 82 -22.80 -30.59 -16.70
N GLY A 83 -22.44 -29.34 -16.41
CA GLY A 83 -21.47 -29.07 -15.37
C GLY A 83 -21.67 -27.70 -14.77
N GLN A 84 -20.76 -27.34 -13.87
CA GLN A 84 -20.82 -26.08 -13.15
C GLN A 84 -19.42 -25.51 -13.02
N ASN A 85 -19.27 -24.23 -13.28
CA ASN A 85 -17.98 -23.59 -13.10
C ASN A 85 -17.70 -23.35 -11.62
N PHE A 86 -16.42 -23.23 -11.30
CA PHE A 86 -15.99 -22.91 -9.93
C PHE A 86 -15.71 -21.41 -9.84
N ILE A 87 -16.79 -20.65 -9.83
CA ILE A 87 -16.70 -19.19 -9.85
C ILE A 87 -17.56 -18.57 -8.76
N PRO A 88 -17.20 -18.67 -7.49
CA PRO A 88 -17.90 -17.90 -6.46
C PRO A 88 -17.62 -16.42 -6.61
N PRO A 89 -18.66 -15.60 -6.82
CA PRO A 89 -18.44 -14.18 -7.06
C PRO A 89 -18.00 -13.40 -5.82
N LYS A 90 -18.67 -13.65 -4.69
CA LYS A 90 -18.45 -12.97 -3.41
C LYS A 90 -18.94 -11.52 -3.45
N LYS A 91 -19.32 -11.04 -4.63
CA LYS A 91 -19.98 -9.75 -4.82
C LYS A 91 -19.23 -8.59 -4.15
N PRO A 92 -18.11 -8.14 -4.72
CA PRO A 92 -17.42 -6.97 -4.15
C PRO A 92 -18.29 -5.72 -4.25
N LYS A 93 -18.08 -4.80 -3.31
CA LYS A 93 -18.87 -3.58 -3.25
C LYS A 93 -18.54 -2.67 -4.43
N THR A 94 -19.54 -1.87 -4.82
CA THR A 94 -19.43 -0.97 -5.95
C THR A 94 -19.13 0.45 -5.48
N PHE A 95 -19.02 1.37 -6.44
CA PHE A 95 -18.63 2.74 -6.12
C PHE A 95 -19.71 3.48 -5.34
N LEU A 96 -20.98 3.21 -5.66
CA LEU A 96 -22.06 3.97 -5.03
C LEU A 96 -22.13 3.70 -3.54
N GLN A 97 -22.11 2.43 -3.13
CA GLN A 97 -22.10 2.13 -1.70
C GLN A 97 -20.84 2.65 -1.04
N LEU A 98 -19.72 2.67 -1.78
CA LEU A 98 -18.47 3.17 -1.22
C LEU A 98 -18.56 4.66 -0.89
N VAL A 99 -19.07 5.47 -1.84
CA VAL A 99 -19.22 6.89 -1.57
C VAL A 99 -20.29 7.13 -0.53
N TRP A 100 -21.35 6.31 -0.51
CA TRP A 100 -22.36 6.43 0.54
C TRP A 100 -21.74 6.23 1.91
N GLU A 101 -20.91 5.20 2.07
CA GLU A 101 -20.24 4.97 3.33
C GLU A 101 -19.27 6.09 3.67
N ALA A 102 -18.55 6.58 2.67
CA ALA A 102 -17.59 7.67 2.90
C ALA A 102 -18.28 8.94 3.37
N LEU A 103 -19.53 9.15 2.94
CA LEU A 103 -20.27 10.35 3.32
C LEU A 103 -20.72 10.31 4.78
N GLN A 104 -20.60 9.16 5.45
CA GLN A 104 -21.17 8.96 6.78
C GLN A 104 -20.29 9.51 7.91
N ASP A 105 -19.35 10.42 7.62
CA ASP A 105 -18.49 10.96 8.66
C ASP A 105 -19.23 12.03 9.47
N VAL A 106 -19.01 12.01 10.78
CA VAL A 106 -19.72 12.93 11.67
C VAL A 106 -19.23 14.36 11.48
N THR A 107 -17.91 14.55 11.41
CA THR A 107 -17.36 15.89 11.30
C THR A 107 -17.81 16.56 10.01
N LEU A 108 -17.85 15.81 8.92
CA LEU A 108 -18.33 16.37 7.66
C LEU A 108 -19.80 16.75 7.77
N ILE A 109 -20.60 15.96 8.48
CA ILE A 109 -22.01 16.31 8.66
C ILE A 109 -22.15 17.60 9.46
N ILE A 110 -21.34 17.76 10.51
CA ILE A 110 -21.36 18.99 11.29
C ILE A 110 -20.98 20.18 10.43
N LEU A 111 -19.94 20.02 9.60
CA LEU A 111 -19.55 21.09 8.69
C LEU A 111 -20.68 21.41 7.72
N GLU A 112 -21.38 20.38 7.23
CA GLU A 112 -22.47 20.60 6.29
C GLU A 112 -23.60 21.39 6.93
N ILE A 113 -23.99 21.04 8.16
CA ILE A 113 -25.09 21.75 8.79
C ILE A 113 -24.68 23.18 9.14
N ALA A 114 -23.42 23.37 9.54
CA ALA A 114 -22.95 24.73 9.80
C ALA A 114 -22.97 25.57 8.53
N ALA A 115 -22.53 24.99 7.42
CA ALA A 115 -22.56 25.72 6.15
C ALA A 115 -23.99 26.02 5.72
N ILE A 116 -24.91 25.08 5.93
CA ILE A 116 -26.31 25.32 5.59
C ILE A 116 -26.86 26.47 6.42
N ILE A 117 -26.56 26.48 7.72
CA ILE A 117 -27.06 27.55 8.58
C ILE A 117 -26.50 28.89 8.14
N SER A 118 -25.19 28.94 7.87
CA SER A 118 -24.58 30.19 7.43
C SER A 118 -25.15 30.66 6.10
N LEU A 119 -25.40 29.73 5.18
CA LEU A 119 -25.98 30.08 3.89
C LEU A 119 -27.38 30.65 4.04
N GLY A 120 -28.24 29.95 4.78
CA GLY A 120 -29.61 30.40 4.94
C GLY A 120 -29.72 31.69 5.71
N LEU A 121 -28.85 31.88 6.70
CA LEU A 121 -28.92 33.06 7.56
C LEU A 121 -28.43 34.33 6.86
N SER A 122 -27.81 34.19 5.68
CA SER A 122 -27.34 35.37 4.95
C SER A 122 -28.49 36.30 4.56
N PHE A 123 -29.72 35.80 4.50
CA PHE A 123 -30.89 36.61 4.20
C PHE A 123 -31.89 36.47 5.34
N TYR A 124 -32.10 37.55 6.09
CA TYR A 124 -33.02 37.52 7.21
C TYR A 124 -34.15 38.53 7.02
N ALA A 149 -21.20 39.40 -1.56
CA ALA A 149 -22.20 38.37 -1.30
C ALA A 149 -21.80 37.51 -0.11
N GLY A 150 -22.72 36.67 0.35
CA GLY A 150 -22.47 35.82 1.49
C GLY A 150 -22.61 34.34 1.18
N TRP A 151 -23.39 34.01 0.15
CA TRP A 151 -23.63 32.62 -0.22
C TRP A 151 -22.39 31.94 -0.78
N ILE A 152 -21.36 32.71 -1.12
CA ILE A 152 -20.16 32.14 -1.73
C ILE A 152 -19.49 31.16 -0.78
N GLU A 153 -19.37 31.52 0.50
CA GLU A 153 -18.70 30.65 1.46
C GLU A 153 -19.46 29.33 1.61
N GLY A 154 -20.78 29.40 1.73
CA GLY A 154 -21.56 28.18 1.88
C GLY A 154 -21.48 27.28 0.65
N ALA A 155 -21.59 27.87 -0.54
CA ALA A 155 -21.49 27.08 -1.75
C ALA A 155 -20.11 26.42 -1.86
N ALA A 156 -19.06 27.17 -1.54
CA ALA A 156 -17.71 26.63 -1.61
C ALA A 156 -17.53 25.48 -0.63
N ILE A 157 -18.04 25.63 0.60
CA ILE A 157 -17.90 24.56 1.58
C ILE A 157 -18.64 23.31 1.11
N LEU A 158 -19.86 23.46 0.60
CA LEU A 158 -20.60 22.31 0.11
C LEU A 158 -19.83 21.60 -1.01
N LEU A 159 -19.35 22.37 -1.98
CA LEU A 159 -18.64 21.75 -3.11
C LEU A 159 -17.37 21.06 -2.66
N SER A 160 -16.61 21.68 -1.74
CA SER A 160 -15.38 21.08 -1.28
C SER A 160 -15.64 19.78 -0.52
N VAL A 161 -16.70 19.76 0.31
CA VAL A 161 -17.03 18.53 1.03
C VAL A 161 -17.38 17.42 0.04
N ILE A 162 -18.18 17.75 -0.98
CA ILE A 162 -18.55 16.72 -1.96
C ILE A 162 -17.31 16.20 -2.68
N CYS A 163 -16.41 17.11 -3.06
CA CYS A 163 -15.19 16.70 -3.77
C CYS A 163 -14.32 15.80 -2.90
N VAL A 164 -14.17 16.14 -1.61
CA VAL A 164 -13.36 15.32 -0.71
C VAL A 164 -13.96 13.93 -0.58
N VAL A 165 -15.29 13.84 -0.42
CA VAL A 165 -15.94 12.54 -0.32
C VAL A 165 -15.68 11.72 -1.58
N LEU A 166 -15.82 12.35 -2.74
CA LEU A 166 -15.61 11.63 -4.00
C LEU A 166 -14.18 11.12 -4.11
N VAL A 167 -13.20 11.94 -3.74
CA VAL A 167 -11.80 11.52 -3.83
C VAL A 167 -11.53 10.34 -2.91
N THR A 168 -12.03 10.38 -1.67
CA THR A 168 -11.82 9.28 -0.75
C THR A 168 -12.45 7.99 -1.29
N ALA A 169 -13.67 8.09 -1.83
CA ALA A 169 -14.31 6.90 -2.38
C ALA A 169 -13.50 6.33 -3.54
N PHE A 170 -12.97 7.19 -4.41
CA PHE A 170 -12.18 6.70 -5.54
C PHE A 170 -10.93 6.00 -5.06
N ASN A 171 -10.26 6.55 -4.04
CA ASN A 171 -9.06 5.91 -3.52
C ASN A 171 -9.36 4.53 -2.97
N ASP A 172 -10.44 4.40 -2.19
CA ASP A 172 -10.80 3.10 -1.64
C ASP A 172 -11.12 2.10 -2.76
N TRP A 173 -11.83 2.55 -3.79
CA TRP A 173 -12.17 1.66 -4.89
C TRP A 173 -10.91 1.17 -5.61
N SER A 174 -9.95 2.05 -5.83
CA SER A 174 -8.71 1.63 -6.49
C SER A 174 -7.95 0.60 -5.66
N LYS A 175 -7.85 0.82 -4.35
CA LYS A 175 -7.16 -0.14 -3.50
C LYS A 175 -7.85 -1.51 -3.54
N GLU A 176 -9.18 -1.52 -3.46
CA GLU A 176 -9.92 -2.78 -3.50
C GLU A 176 -9.70 -3.47 -4.84
N LYS A 177 -9.62 -2.70 -5.94
CA LYS A 177 -9.34 -3.30 -7.24
C LYS A 177 -7.97 -3.96 -7.27
N GLN A 178 -6.97 -3.33 -6.66
CA GLN A 178 -5.65 -3.96 -6.62
C GLN A 178 -5.70 -5.29 -5.87
N PHE A 179 -6.40 -5.32 -4.73
CA PHE A 179 -6.51 -6.58 -4.00
C PHE A 179 -7.22 -7.65 -4.82
N ARG A 180 -8.27 -7.26 -5.54
CA ARG A 180 -8.98 -8.24 -6.37
C ARG A 180 -8.07 -8.78 -7.48
N GLY A 181 -7.21 -7.92 -8.04
CA GLY A 181 -6.26 -8.40 -9.03
C GLY A 181 -5.31 -9.44 -8.45
N LEU A 182 -4.79 -9.18 -7.25
CA LEU A 182 -3.93 -10.18 -6.61
C LEU A 182 -4.67 -11.49 -6.40
N GLN A 183 -5.93 -11.41 -5.94
CA GLN A 183 -6.69 -12.63 -5.70
C GLN A 183 -6.95 -13.38 -7.00
N SER A 184 -7.20 -12.66 -8.09
CA SER A 184 -7.37 -13.31 -9.38
C SER A 184 -6.12 -14.08 -9.77
N ARG A 185 -4.94 -13.47 -9.56
CA ARG A 185 -3.72 -14.16 -9.96
C ARG A 185 -3.48 -15.39 -9.07
N ILE A 186 -3.72 -15.25 -7.76
CA ILE A 186 -3.56 -16.39 -6.85
C ILE A 186 -4.50 -17.53 -7.23
N GLU A 187 -5.70 -17.21 -7.73
CA GLU A 187 -6.59 -18.26 -8.21
C GLU A 187 -6.05 -18.87 -9.49
N GLN A 188 -5.49 -18.04 -10.37
CA GLN A 188 -4.97 -18.52 -11.65
C GLN A 188 -3.84 -19.52 -11.44
N GLU A 189 -3.01 -19.30 -10.42
CA GLU A 189 -1.80 -20.10 -10.24
C GLU A 189 -2.08 -21.59 -10.19
N GLN A 190 -3.25 -22.00 -9.68
CA GLN A 190 -3.55 -23.42 -9.51
C GLN A 190 -3.62 -24.13 -10.86
N LYS A 191 -3.26 -25.42 -10.83
CA LYS A 191 -3.27 -26.25 -12.03
C LYS A 191 -3.28 -27.72 -11.61
N PHE A 192 -3.93 -28.56 -12.42
CA PHE A 192 -4.02 -29.99 -12.13
C PHE A 192 -3.71 -30.69 -13.46
N THR A 193 -3.10 -31.86 -13.37
CA THR A 193 -2.81 -32.69 -14.53
C THR A 193 -4.02 -33.55 -14.88
N VAL A 194 -4.41 -33.54 -16.15
CA VAL A 194 -5.44 -34.41 -16.69
C VAL A 194 -4.91 -34.99 -17.99
N VAL A 195 -5.72 -35.79 -18.67
CA VAL A 195 -5.38 -36.30 -19.99
C VAL A 195 -6.51 -35.96 -20.94
N ARG A 196 -6.14 -35.45 -22.12
CA ARG A 196 -7.07 -35.14 -23.18
C ARG A 196 -6.43 -35.51 -24.52
N ALA A 197 -7.20 -36.19 -25.37
CA ALA A 197 -6.73 -36.64 -26.68
C ALA A 197 -5.48 -37.50 -26.54
N GLY A 198 -5.41 -38.28 -25.46
CA GLY A 198 -4.26 -39.13 -25.21
C GLY A 198 -3.03 -38.41 -24.74
N GLN A 199 -3.12 -37.11 -24.45
CA GLN A 199 -1.98 -36.30 -24.02
C GLN A 199 -2.20 -35.85 -22.58
N VAL A 200 -1.18 -36.03 -21.74
CA VAL A 200 -1.25 -35.53 -20.37
C VAL A 200 -0.91 -34.04 -20.40
N VAL A 201 -1.80 -33.23 -19.86
CA VAL A 201 -1.68 -31.78 -19.88
C VAL A 201 -2.14 -31.20 -18.54
N GLN A 202 -1.59 -30.06 -18.18
CA GLN A 202 -1.97 -29.37 -16.95
C GLN A 202 -2.89 -28.21 -17.30
N ILE A 203 -4.02 -28.13 -16.60
CA ILE A 203 -5.04 -27.11 -16.87
C ILE A 203 -5.38 -26.40 -15.57
N PRO A 204 -5.89 -25.18 -15.66
CA PRO A 204 -6.37 -24.50 -14.45
C PRO A 204 -7.52 -25.27 -13.81
N VAL A 205 -7.57 -25.20 -12.47
CA VAL A 205 -8.60 -25.92 -11.73
C VAL A 205 -9.98 -25.43 -12.11
N ALA A 206 -10.11 -24.16 -12.47
CA ALA A 206 -11.41 -23.62 -12.83
C ALA A 206 -11.97 -24.22 -14.11
N GLU A 207 -11.15 -24.94 -14.87
CA GLU A 207 -11.53 -25.41 -16.20
C GLU A 207 -12.09 -26.83 -16.19
N ILE A 208 -11.78 -27.63 -15.17
CA ILE A 208 -12.19 -29.04 -15.16
C ILE A 208 -13.70 -29.14 -15.27
N VAL A 209 -14.16 -30.04 -16.14
CA VAL A 209 -15.59 -30.24 -16.41
C VAL A 209 -15.86 -31.73 -16.30
N VAL A 210 -17.13 -32.07 -16.02
CA VAL A 210 -17.53 -33.46 -15.83
C VAL A 210 -17.12 -34.28 -17.04
N GLY A 211 -16.49 -35.43 -16.78
CA GLY A 211 -16.01 -36.33 -17.80
C GLY A 211 -14.51 -36.33 -17.99
N ASP A 212 -13.81 -35.29 -17.54
CA ASP A 212 -12.36 -35.25 -17.68
C ASP A 212 -11.72 -36.41 -16.92
N ILE A 213 -10.71 -37.02 -17.53
CA ILE A 213 -9.95 -38.08 -16.89
C ILE A 213 -8.75 -37.43 -16.21
N ALA A 214 -8.77 -37.40 -14.88
CA ALA A 214 -7.73 -36.75 -14.09
C ALA A 214 -6.76 -37.80 -13.56
N GLN A 215 -5.47 -37.45 -13.55
CA GLN A 215 -4.43 -38.34 -13.03
C GLN A 215 -4.05 -37.91 -11.62
N ILE A 216 -4.12 -38.85 -10.69
CA ILE A 216 -3.93 -38.58 -9.27
C ILE A 216 -2.60 -39.18 -8.84
N LYS A 217 -1.78 -38.37 -8.18
CA LYS A 217 -0.52 -38.77 -7.60
C LYS A 217 -0.54 -38.47 -6.11
N TYR A 218 0.42 -39.04 -5.38
CA TYR A 218 0.47 -38.84 -3.93
C TYR A 218 0.70 -37.36 -3.62
N GLY A 219 -0.01 -36.86 -2.61
CA GLY A 219 0.11 -35.49 -2.17
C GLY A 219 -0.78 -34.50 -2.88
N ASP A 220 -1.54 -34.93 -3.89
CA ASP A 220 -2.43 -34.03 -4.60
C ASP A 220 -3.71 -33.79 -3.80
N LEU A 221 -4.41 -32.72 -4.16
CA LEU A 221 -5.69 -32.36 -3.56
C LEU A 221 -6.79 -32.54 -4.60
N LEU A 222 -7.78 -33.35 -4.28
CA LEU A 222 -8.85 -33.65 -5.23
C LEU A 222 -9.75 -32.44 -5.43
N PRO A 223 -9.94 -31.97 -6.67
CA PRO A 223 -10.73 -30.75 -6.89
C PRO A 223 -12.21 -31.02 -7.09
N ALA A 224 -12.55 -32.24 -7.50
CA ALA A 224 -13.93 -32.55 -7.86
C ALA A 224 -14.21 -34.00 -7.52
N ASP A 225 -15.50 -34.32 -7.41
CA ASP A 225 -15.93 -35.67 -7.05
C ASP A 225 -15.90 -36.55 -8.29
N GLY A 226 -15.25 -37.70 -8.19
CA GLY A 226 -15.08 -38.57 -9.34
C GLY A 226 -15.11 -40.04 -8.98
N LEU A 227 -14.88 -40.88 -10.00
CA LEU A 227 -14.91 -42.33 -9.88
C LEU A 227 -13.53 -42.91 -10.20
N PHE A 228 -13.15 -43.92 -9.43
CA PHE A 228 -11.84 -44.57 -9.57
C PHE A 228 -11.96 -45.69 -10.60
N ILE A 229 -11.05 -45.70 -11.58
CA ILE A 229 -10.97 -46.78 -12.58
C ILE A 229 -9.71 -47.64 -12.37
N GLN A 230 -8.52 -47.04 -12.45
CA GLN A 230 -7.29 -47.81 -12.34
C GLN A 230 -6.28 -47.07 -11.50
N GLY A 231 -5.36 -47.83 -10.91
CA GLY A 231 -4.33 -47.27 -10.07
C GLY A 231 -3.76 -48.32 -9.14
N ASN A 232 -2.85 -47.85 -8.27
CA ASN A 232 -2.16 -48.71 -7.32
C ASN A 232 -2.08 -48.03 -5.97
N ASP A 233 -2.44 -48.77 -4.92
CA ASP A 233 -2.22 -48.38 -3.52
C ASP A 233 -2.82 -47.02 -3.19
N LEU A 234 -3.98 -46.74 -3.76
CA LEU A 234 -4.64 -45.45 -3.56
C LEU A 234 -5.18 -45.38 -2.14
N LYS A 235 -4.42 -44.78 -1.23
CA LYS A 235 -4.85 -44.54 0.14
C LYS A 235 -4.95 -43.03 0.36
N ILE A 236 -6.11 -42.58 0.82
CA ILE A 236 -6.46 -41.17 0.96
C ILE A 236 -7.06 -40.95 2.34
N ASP A 237 -6.73 -39.82 2.96
CA ASP A 237 -7.40 -39.39 4.18
C ASP A 237 -8.63 -38.56 3.82
N GLU A 238 -9.75 -38.86 4.46
CA GLU A 238 -11.00 -38.15 4.24
C GLU A 238 -11.48 -37.47 5.53
N SER A 239 -10.53 -37.05 6.38
CA SER A 239 -10.87 -36.43 7.65
C SER A 239 -11.56 -35.09 7.49
N SER A 240 -11.37 -34.41 6.36
CA SER A 240 -12.02 -33.12 6.17
C SER A 240 -13.54 -33.25 6.02
N LEU A 241 -14.04 -34.43 5.66
CA LEU A 241 -15.47 -34.65 5.49
C LEU A 241 -16.07 -35.58 6.52
N THR A 242 -15.35 -36.66 6.89
CA THR A 242 -15.87 -37.62 7.85
C THR A 242 -15.35 -37.41 9.26
N GLY A 243 -14.24 -36.68 9.42
CA GLY A 243 -13.67 -36.45 10.73
C GLY A 243 -12.74 -37.54 11.21
N GLU A 244 -12.51 -38.58 10.42
CA GLU A 244 -11.64 -39.69 10.80
C GLU A 244 -10.35 -39.61 9.99
N SER A 245 -9.22 -39.63 10.71
CA SER A 245 -7.92 -39.46 10.09
C SER A 245 -7.28 -40.78 9.65
N ASP A 246 -8.09 -41.79 9.36
CA ASP A 246 -7.59 -43.09 8.94
C ASP A 246 -7.52 -43.12 7.42
N GLN A 247 -6.40 -43.62 6.90
CA GLN A 247 -6.16 -43.69 5.46
C GLN A 247 -7.09 -44.74 4.86
N VAL A 248 -8.13 -44.30 4.16
CA VAL A 248 -9.03 -45.21 3.46
C VAL A 248 -8.39 -45.62 2.14
N ARG A 249 -8.33 -46.93 1.90
CA ARG A 249 -7.76 -47.48 0.67
C ARG A 249 -8.90 -47.69 -0.31
N LYS A 250 -8.85 -47.00 -1.44
CA LYS A 250 -9.88 -47.12 -2.45
C LYS A 250 -9.55 -48.25 -3.42
N SER A 251 -10.58 -49.02 -3.78
CA SER A 251 -10.44 -50.05 -4.80
C SER A 251 -11.68 -50.04 -5.67
N VAL A 252 -11.52 -50.55 -6.89
CA VAL A 252 -12.66 -50.64 -7.79
C VAL A 252 -13.74 -51.52 -7.20
N ASP A 253 -13.34 -52.59 -6.52
CA ASP A 253 -14.28 -53.57 -6.01
C ASP A 253 -14.89 -53.21 -4.66
N LYS A 254 -14.31 -52.25 -3.93
CA LYS A 254 -14.84 -51.97 -2.60
C LYS A 254 -15.23 -50.51 -2.39
N ASP A 255 -14.46 -49.55 -2.92
CA ASP A 255 -14.78 -48.13 -2.74
C ASP A 255 -14.17 -47.34 -3.89
N PRO A 256 -14.91 -47.15 -4.97
CA PRO A 256 -14.38 -46.36 -6.10
C PRO A 256 -14.67 -44.87 -5.99
N MET A 257 -15.07 -44.41 -4.80
CA MET A 257 -15.50 -43.03 -4.61
C MET A 257 -14.34 -42.14 -4.19
N LEU A 258 -14.14 -41.06 -4.92
CA LEU A 258 -13.16 -40.03 -4.59
C LEU A 258 -13.88 -38.70 -4.41
N LEU A 259 -13.63 -38.05 -3.29
CA LEU A 259 -14.33 -36.83 -2.90
C LEU A 259 -13.38 -35.64 -2.92
N SER A 260 -13.86 -34.51 -3.45
CA SER A 260 -13.08 -33.28 -3.45
C SER A 260 -12.84 -32.80 -2.02
N GLY A 261 -11.71 -32.12 -1.84
CA GLY A 261 -11.33 -31.61 -0.54
C GLY A 261 -10.55 -32.57 0.32
N THR A 262 -10.34 -33.80 -0.13
CA THR A 262 -9.56 -34.78 0.60
C THR A 262 -8.15 -34.86 0.04
N HIS A 263 -7.21 -35.25 0.90
CA HIS A 263 -5.79 -35.24 0.55
C HIS A 263 -5.31 -36.66 0.27
N VAL A 264 -4.76 -36.87 -0.93
CA VAL A 264 -4.29 -38.19 -1.34
C VAL A 264 -2.95 -38.45 -0.64
N MET A 265 -2.84 -39.59 0.03
CA MET A 265 -1.68 -39.87 0.86
C MET A 265 -0.65 -40.77 0.17
N GLU A 266 -1.06 -41.96 -0.26
CA GLU A 266 -0.15 -42.82 -1.00
C GLU A 266 -0.88 -43.42 -2.20
N GLY A 267 -0.08 -43.93 -3.14
CA GLY A 267 -0.60 -44.53 -4.34
C GLY A 267 -0.76 -43.53 -5.47
N SER A 268 -1.27 -44.04 -6.59
CA SER A 268 -1.48 -43.23 -7.78
C SER A 268 -2.57 -43.88 -8.61
N GLY A 269 -3.05 -43.14 -9.61
CA GLY A 269 -4.04 -43.72 -10.50
C GLY A 269 -4.73 -42.66 -11.33
N ARG A 270 -5.94 -43.00 -11.77
CA ARG A 270 -6.75 -42.11 -12.59
C ARG A 270 -8.19 -42.13 -12.10
N MET A 271 -8.91 -41.06 -12.41
CA MET A 271 -10.32 -40.94 -12.02
C MET A 271 -11.09 -40.22 -13.11
N VAL A 272 -12.41 -40.42 -13.11
CA VAL A 272 -13.32 -39.71 -14.02
C VAL A 272 -14.22 -38.82 -13.17
N VAL A 273 -14.15 -37.51 -13.42
CA VAL A 273 -14.91 -36.56 -12.61
C VAL A 273 -16.39 -36.67 -12.94
N THR A 274 -17.21 -36.72 -11.90
CA THR A 274 -18.66 -36.79 -12.03
C THR A 274 -19.36 -35.55 -11.51
N ALA A 275 -18.93 -35.01 -10.37
CA ALA A 275 -19.57 -33.86 -9.75
C ALA A 275 -18.55 -32.74 -9.61
N VAL A 276 -18.92 -31.54 -10.07
CA VAL A 276 -18.05 -30.37 -10.02
C VAL A 276 -18.85 -29.19 -9.49
N GLY A 277 -18.13 -28.14 -9.10
CA GLY A 277 -18.77 -26.92 -8.66
C GLY A 277 -19.53 -27.10 -7.36
N VAL A 278 -20.65 -26.39 -7.25
CA VAL A 278 -21.46 -26.44 -6.03
C VAL A 278 -22.17 -27.77 -5.87
N ASN A 279 -22.17 -28.61 -6.89
CA ASN A 279 -22.80 -29.92 -6.81
C ASN A 279 -21.98 -30.93 -6.00
N SER A 280 -20.75 -30.58 -5.64
CA SER A 280 -19.88 -31.48 -4.90
C SER A 280 -20.31 -31.55 -3.43
N GLN A 281 -19.80 -32.57 -2.74
CA GLN A 281 -20.10 -32.76 -1.32
C GLN A 281 -19.27 -31.86 -0.43
N THR A 282 -18.29 -31.15 -0.98
CA THR A 282 -17.56 -30.15 -0.22
C THR A 282 -18.10 -28.74 -0.39
N GLY A 283 -18.77 -28.46 -1.52
CA GLY A 283 -19.38 -27.17 -1.71
C GLY A 283 -20.67 -26.96 -0.95
N ILE A 284 -21.31 -28.06 -0.51
CA ILE A 284 -22.54 -27.93 0.26
C ILE A 284 -22.26 -27.24 1.60
N ILE A 285 -21.15 -27.59 2.24
CA ILE A 285 -20.79 -26.95 3.51
C ILE A 285 -20.58 -25.45 3.29
N PHE A 286 -19.92 -25.08 2.19
CA PHE A 286 -19.72 -23.67 1.89
C PHE A 286 -21.04 -22.96 1.63
N THR A 287 -21.96 -23.62 0.92
CA THR A 287 -23.21 -22.96 0.57
C THR A 287 -24.12 -22.77 1.78
N LEU A 288 -24.28 -23.80 2.61
CA LEU A 288 -25.13 -23.64 3.79
C LEU A 288 -24.48 -22.78 4.88
N LEU A 289 -23.21 -22.44 4.74
CA LEU A 289 -22.54 -21.58 5.71
C LEU A 289 -23.12 -20.17 5.70
N SER A 339 -3.38 -6.88 13.17
CA SER A 339 -1.95 -7.15 13.25
C SER A 339 -1.29 -6.29 14.32
N VAL A 340 0.03 -6.36 14.40
CA VAL A 340 0.76 -5.63 15.43
C VAL A 340 0.74 -4.13 15.16
N LEU A 341 0.91 -3.73 13.89
CA LEU A 341 1.11 -2.31 13.60
C LEU A 341 -0.19 -1.52 13.68
N GLN A 342 -1.30 -2.14 13.28
CA GLN A 342 -2.56 -1.40 13.24
C GLN A 342 -3.05 -1.00 14.63
N GLY A 343 -2.74 -1.81 15.64
CA GLY A 343 -3.11 -1.43 17.00
C GLY A 343 -2.43 -0.16 17.44
N LYS A 344 -1.12 -0.07 17.22
CA LYS A 344 -0.39 1.15 17.55
C LYS A 344 -0.90 2.32 16.73
N LEU A 345 -1.18 2.09 15.45
CA LEU A 345 -1.67 3.17 14.60
C LEU A 345 -2.99 3.72 15.12
N THR A 346 -3.92 2.84 15.47
CA THR A 346 -5.23 3.33 15.93
C THR A 346 -5.13 3.97 17.30
N LYS A 347 -4.24 3.48 18.17
CA LYS A 347 -4.03 4.14 19.45
C LYS A 347 -3.52 5.57 19.26
N LEU A 348 -2.51 5.73 18.39
CA LEU A 348 -2.00 7.07 18.12
C LEU A 348 -3.08 7.95 17.51
N ALA A 349 -3.91 7.37 16.63
CA ALA A 349 -4.98 8.14 16.01
C ALA A 349 -5.96 8.67 17.05
N VAL A 350 -6.37 7.83 18.01
CA VAL A 350 -7.35 8.30 18.99
C VAL A 350 -6.72 9.34 19.92
N GLN A 351 -5.44 9.17 20.29
CA GLN A 351 -4.79 10.21 21.10
C GLN A 351 -4.78 11.56 20.37
N ILE A 352 -4.37 11.55 19.10
CA ILE A 352 -4.30 12.83 18.37
C ILE A 352 -5.70 13.40 18.18
N GLY A 353 -6.70 12.55 17.99
CA GLY A 353 -8.07 13.04 17.88
C GLY A 353 -8.54 13.73 19.15
N LYS A 354 -8.23 13.15 20.31
CA LYS A 354 -8.58 13.80 21.57
C LYS A 354 -7.90 15.16 21.70
N ALA A 355 -6.60 15.22 21.38
CA ALA A 355 -5.89 16.49 21.48
C ALA A 355 -6.50 17.53 20.54
N GLY A 356 -6.84 17.13 19.32
CA GLY A 356 -7.44 18.06 18.39
C GLY A 356 -8.80 18.56 18.84
N LEU A 357 -9.60 17.67 19.42
CA LEU A 357 -10.91 18.09 19.94
C LEU A 357 -10.74 19.13 21.04
N VAL A 358 -9.80 18.89 21.97
CA VAL A 358 -9.56 19.86 23.03
C VAL A 358 -9.14 21.20 22.45
N MET A 359 -8.22 21.18 21.47
CA MET A 359 -7.74 22.43 20.89
C MET A 359 -8.87 23.19 20.20
N SER A 360 -9.73 22.48 19.46
CA SER A 360 -10.84 23.14 18.78
C SER A 360 -11.78 23.78 19.78
N ALA A 361 -12.12 23.07 20.86
CA ALA A 361 -13.01 23.64 21.86
C ALA A 361 -12.41 24.90 22.49
N ILE A 362 -11.11 24.84 22.81
CA ILE A 362 -10.47 26.00 23.41
C ILE A 362 -10.51 27.19 22.45
N THR A 363 -10.22 26.96 21.18
CA THR A 363 -10.24 28.06 20.21
C THR A 363 -11.62 28.68 20.10
N VAL A 364 -12.66 27.85 20.03
CA VAL A 364 -14.02 28.40 19.87
C VAL A 364 -14.40 29.22 21.09
N ILE A 365 -14.14 28.71 22.30
CA ILE A 365 -14.55 29.46 23.49
C ILE A 365 -13.74 30.75 23.61
N ILE A 366 -12.46 30.73 23.22
CA ILE A 366 -11.66 31.94 23.28
C ILE A 366 -12.22 32.99 22.34
N LEU A 367 -12.56 32.58 21.11
CA LEU A 367 -13.11 33.54 20.14
C LEU A 367 -14.42 34.13 20.65
N VAL A 368 -15.31 33.29 21.18
CA VAL A 368 -16.61 33.77 21.63
C VAL A 368 -16.45 34.73 22.80
N LEU A 369 -15.60 34.37 23.76
CA LEU A 369 -15.40 35.24 24.92
C LEU A 369 -14.79 36.57 24.52
N TYR A 370 -13.78 36.55 23.65
CA TYR A 370 -13.17 37.80 23.21
C TYR A 370 -14.18 38.68 22.51
N PHE A 371 -14.98 38.10 21.60
CA PHE A 371 -15.95 38.90 20.86
C PHE A 371 -16.98 39.52 21.79
N THR A 372 -17.55 38.71 22.69
CA THR A 372 -18.61 39.24 23.55
C THR A 372 -18.05 40.27 24.54
N VAL A 373 -16.84 40.06 25.05
CA VAL A 373 -16.27 41.02 25.99
C VAL A 373 -15.98 42.34 25.30
N ASP A 374 -15.39 42.29 24.11
CA ASP A 374 -15.07 43.54 23.42
C ASP A 374 -16.33 44.27 22.98
N THR A 375 -17.35 43.52 22.51
CA THR A 375 -18.54 44.18 21.98
C THR A 375 -19.42 44.74 23.09
N PHE A 376 -19.62 44.00 24.17
CA PHE A 376 -20.61 44.39 25.17
C PHE A 376 -20.00 45.03 26.42
N VAL A 377 -18.88 44.52 26.91
CA VAL A 377 -18.33 45.04 28.17
C VAL A 377 -17.57 46.34 27.91
N VAL A 378 -16.63 46.33 26.98
CA VAL A 378 -15.83 47.53 26.70
C VAL A 378 -16.71 48.61 26.08
N ASN A 379 -17.29 48.33 24.92
CA ASN A 379 -18.24 49.23 24.31
C ASN A 379 -19.60 49.04 24.96
N LYS A 380 -20.15 50.11 25.52
CA LYS A 380 -21.41 50.01 26.26
C LYS A 380 -22.59 49.85 25.31
N LYS A 381 -22.92 48.61 24.97
CA LYS A 381 -24.02 48.31 24.07
C LYS A 381 -24.94 47.32 24.76
N PRO A 382 -26.24 47.62 24.86
CA PRO A 382 -27.17 46.65 25.47
C PRO A 382 -27.49 45.49 24.54
N TRP A 383 -28.28 44.54 25.00
CA TRP A 383 -28.65 43.36 24.23
C TRP A 383 -29.75 43.72 23.23
N LEU A 384 -29.35 44.44 22.19
CA LEU A 384 -30.29 44.90 21.18
C LEU A 384 -30.80 43.73 20.35
N THR A 385 -32.10 43.74 20.07
CA THR A 385 -32.70 42.70 19.23
C THR A 385 -32.60 43.01 17.74
N GLU A 386 -32.21 44.24 17.38
CA GLU A 386 -32.07 44.59 15.97
C GLU A 386 -30.80 44.01 15.36
N CYS A 387 -29.72 43.95 16.15
CA CYS A 387 -28.45 43.42 15.68
C CYS A 387 -28.19 42.00 16.17
N THR A 388 -29.25 41.26 16.50
CA THR A 388 -29.09 39.84 16.80
C THR A 388 -28.57 39.04 15.60
N PRO A 389 -29.09 39.20 14.38
CA PRO A 389 -28.59 38.37 13.27
C PRO A 389 -27.11 38.52 13.01
N VAL A 390 -26.55 39.72 13.11
CA VAL A 390 -25.11 39.87 12.87
C VAL A 390 -24.32 39.19 13.98
N TYR A 391 -24.80 39.26 15.22
CA TYR A 391 -24.12 38.58 16.32
C TYR A 391 -24.13 37.07 16.10
N VAL A 392 -25.28 36.51 15.71
CA VAL A 392 -25.33 35.08 15.49
C VAL A 392 -24.52 34.68 14.26
N GLN A 393 -24.39 35.58 13.28
CA GLN A 393 -23.54 35.29 12.14
C GLN A 393 -22.07 35.26 12.54
N TYR A 394 -21.64 36.19 13.40
CA TYR A 394 -20.29 36.12 13.93
C TYR A 394 -20.07 34.83 14.70
N PHE A 395 -21.07 34.41 15.49
CA PHE A 395 -20.97 33.15 16.21
C PHE A 395 -20.82 31.97 15.27
N VAL A 396 -21.60 31.95 14.18
CA VAL A 396 -21.51 30.85 13.24
C VAL A 396 -20.16 30.85 12.53
N LYS A 397 -19.60 32.04 12.25
CA LYS A 397 -18.27 32.08 11.66
C LYS A 397 -17.22 31.51 12.60
N PHE A 398 -17.30 31.86 13.88
CA PHE A 398 -16.38 31.29 14.86
C PHE A 398 -16.53 29.77 14.94
N PHE A 399 -17.78 29.30 14.91
CA PHE A 399 -18.03 27.86 14.98
C PHE A 399 -17.47 27.15 13.75
N ILE A 400 -17.57 27.77 12.58
CA ILE A 400 -17.01 27.16 11.37
C ILE A 400 -15.50 27.09 11.46
N ILE A 401 -14.87 28.15 11.99
CA ILE A 401 -13.42 28.10 12.20
C ILE A 401 -13.06 26.93 13.11
N GLY A 402 -13.80 26.77 14.21
CA GLY A 402 -13.52 25.68 15.12
C GLY A 402 -13.72 24.32 14.49
N VAL A 403 -14.77 24.16 13.71
CA VAL A 403 -15.06 22.87 13.08
C VAL A 403 -13.98 22.53 12.06
N THR A 404 -13.51 23.52 11.30
CA THR A 404 -12.41 23.27 10.35
C THR A 404 -11.14 22.88 11.09
N VAL A 405 -10.84 23.56 12.20
CA VAL A 405 -9.69 23.19 13.00
C VAL A 405 -9.80 21.74 13.46
N LEU A 406 -10.99 21.33 13.89
CA LEU A 406 -11.20 19.95 14.30
C LEU A 406 -11.02 18.99 13.14
N VAL A 407 -11.57 19.33 11.97
CA VAL A 407 -11.52 18.40 10.84
C VAL A 407 -10.12 18.24 10.30
N VAL A 408 -9.24 19.21 10.53
CA VAL A 408 -7.84 19.02 10.13
C VAL A 408 -7.04 18.35 11.25
N ALA A 409 -7.31 18.69 12.50
CA ALA A 409 -6.50 18.19 13.60
C ALA A 409 -6.59 16.67 13.74
N VAL A 410 -7.79 16.12 13.64
CA VAL A 410 -7.96 14.68 13.88
C VAL A 410 -7.50 13.91 12.65
N PRO A 411 -6.62 12.90 12.80
CA PRO A 411 -6.21 12.09 11.66
C PRO A 411 -7.23 10.99 11.40
N GLU A 412 -7.76 10.96 10.18
CA GLU A 412 -8.68 9.92 9.75
C GLU A 412 -8.00 9.10 8.67
N GLY A 413 -8.13 7.79 8.75
CA GLY A 413 -7.50 6.92 7.79
C GLY A 413 -6.06 6.59 8.06
N LEU A 414 -5.52 7.03 9.20
CA LEU A 414 -4.15 6.63 9.57
C LEU A 414 -4.01 5.12 9.74
N PRO A 415 -4.88 4.42 10.48
CA PRO A 415 -4.75 2.96 10.56
C PRO A 415 -4.95 2.27 9.23
N LEU A 416 -5.58 2.93 8.26
CA LEU A 416 -5.74 2.38 6.92
C LEU A 416 -4.51 2.61 6.04
N ALA A 417 -3.49 3.29 6.55
CA ALA A 417 -2.31 3.57 5.73
C ALA A 417 -1.60 2.28 5.34
N VAL A 418 -1.39 1.38 6.31
CA VAL A 418 -0.59 0.18 6.05
C VAL A 418 -1.19 -0.62 4.91
N THR A 419 -2.51 -0.81 4.95
CA THR A 419 -3.18 -1.55 3.87
C THR A 419 -2.83 -0.97 2.51
N ILE A 420 -2.85 0.36 2.38
CA ILE A 420 -2.55 0.99 1.10
C ILE A 420 -1.18 0.54 0.61
N SER A 421 -0.18 0.55 1.49
CA SER A 421 1.15 0.12 1.10
C SER A 421 1.10 -1.28 0.50
N LEU A 422 0.43 -2.20 1.20
CA LEU A 422 0.32 -3.57 0.69
C LEU A 422 -0.32 -3.59 -0.68
N ALA A 423 -1.37 -2.80 -0.87
CA ALA A 423 -2.09 -2.81 -2.15
C ALA A 423 -1.21 -2.38 -3.30
N TYR A 424 -0.11 -1.66 -3.03
CA TYR A 424 0.78 -1.23 -4.10
C TYR A 424 2.13 -1.93 -4.03
N SER A 425 2.27 -2.93 -3.17
CA SER A 425 3.49 -3.70 -3.06
C SER A 425 3.34 -5.13 -3.55
N VAL A 426 2.20 -5.76 -3.25
CA VAL A 426 2.02 -7.18 -3.52
C VAL A 426 2.19 -7.48 -4.99
N LYS A 427 1.55 -6.68 -5.85
CA LYS A 427 1.62 -6.93 -7.28
C LYS A 427 3.05 -6.84 -7.81
N LYS A 428 3.95 -6.16 -7.09
CA LYS A 428 5.35 -6.14 -7.48
C LYS A 428 6.15 -7.25 -6.82
N MET A 429 5.71 -7.72 -5.66
CA MET A 429 6.44 -8.78 -4.96
C MET A 429 6.48 -10.05 -5.80
N MET A 430 5.46 -10.28 -6.61
CA MET A 430 5.46 -11.46 -7.48
C MET A 430 6.58 -11.41 -8.50
N LYS A 431 7.12 -10.24 -8.80
CA LYS A 431 8.26 -10.15 -9.69
C LYS A 431 9.51 -10.78 -9.05
N ASP A 432 9.54 -10.89 -7.73
CA ASP A 432 10.62 -11.57 -7.02
C ASP A 432 10.25 -13.00 -6.66
N ASN A 433 9.24 -13.57 -7.31
CA ASN A 433 8.85 -14.96 -7.12
C ASN A 433 8.42 -15.25 -5.67
N ASN A 434 7.65 -14.34 -5.09
CA ASN A 434 7.10 -14.48 -3.75
C ASN A 434 5.59 -14.30 -3.86
N LEU A 435 4.87 -15.38 -4.11
CA LEU A 435 3.44 -15.32 -4.35
C LEU A 435 2.74 -15.50 -3.01
N VAL A 436 2.08 -14.45 -2.53
CA VAL A 436 1.59 -14.39 -1.16
C VAL A 436 0.09 -14.63 -1.13
N ARG A 437 -0.36 -15.50 -0.23
CA ARG A 437 -1.77 -15.87 -0.09
C ARG A 437 -2.45 -15.12 1.04
N HIS A 438 -1.87 -15.12 2.23
CA HIS A 438 -2.41 -14.40 3.39
C HIS A 438 -1.61 -13.12 3.58
N LEU A 439 -2.29 -11.97 3.53
CA LEU A 439 -1.60 -10.69 3.62
C LEU A 439 -1.02 -10.43 5.00
N ASP A 440 -1.55 -11.09 6.03
CA ASP A 440 -1.06 -10.85 7.39
C ASP A 440 0.42 -11.19 7.52
N ALA A 441 0.91 -12.12 6.70
CA ALA A 441 2.31 -12.51 6.75
C ALA A 441 3.21 -11.61 5.92
N CYS A 442 2.66 -10.59 5.26
CA CYS A 442 3.49 -9.69 4.47
C CYS A 442 4.46 -8.92 5.34
N GLU A 443 4.00 -8.46 6.50
CA GLU A 443 4.84 -7.68 7.40
C GLU A 443 5.43 -8.49 8.55
N THR A 444 4.76 -9.57 8.96
CA THR A 444 5.31 -10.39 10.05
C THR A 444 6.66 -10.96 9.66
N MET A 445 6.81 -11.38 8.40
CA MET A 445 8.09 -11.89 7.93
C MET A 445 9.20 -10.87 8.06
N GLY A 446 8.86 -9.57 8.13
CA GLY A 446 9.87 -8.57 8.36
C GLY A 446 10.52 -8.68 9.72
N ASN A 447 9.78 -9.10 10.73
CA ASN A 447 10.31 -9.25 12.07
C ASN A 447 10.95 -10.62 12.29
N ALA A 448 10.92 -11.50 11.31
CA ALA A 448 11.36 -12.87 11.50
C ALA A 448 12.83 -12.91 11.90
N THR A 449 13.14 -13.76 12.88
CA THR A 449 14.50 -13.87 13.40
C THR A 449 15.17 -15.20 13.13
N ALA A 450 14.39 -16.25 12.86
CA ALA A 450 14.96 -17.57 12.59
C ALA A 450 14.28 -18.19 11.38
N ILE A 451 15.08 -18.84 10.54
CA ILE A 451 14.58 -19.52 9.34
C ILE A 451 15.05 -20.97 9.37
N CYS A 452 14.10 -21.89 9.31
CA CYS A 452 14.42 -23.32 9.24
C CYS A 452 14.25 -23.77 7.80
N SER A 453 15.29 -24.37 7.23
CA SER A 453 15.33 -24.68 5.82
C SER A 453 15.38 -26.20 5.60
N ASP A 454 14.97 -26.61 4.41
CA ASP A 454 15.00 -28.01 3.99
C ASP A 454 16.04 -28.18 2.89
N LYS A 455 16.79 -29.29 2.96
CA LYS A 455 17.93 -29.46 2.06
C LYS A 455 17.50 -29.55 0.60
N THR A 456 16.73 -30.58 0.25
CA THR A 456 16.40 -30.81 -1.15
C THR A 456 15.45 -29.74 -1.67
N GLY A 457 15.65 -29.34 -2.91
CA GLY A 457 14.83 -28.30 -3.52
C GLY A 457 15.33 -26.89 -3.27
N THR A 458 15.55 -26.55 -2.00
CA THR A 458 15.97 -25.20 -1.67
C THR A 458 17.45 -24.98 -1.98
N LEU A 459 18.33 -25.71 -1.30
CA LEU A 459 19.76 -25.47 -1.43
C LEU A 459 20.36 -26.20 -2.62
N THR A 460 19.73 -27.26 -3.09
CA THR A 460 20.21 -28.03 -4.22
C THR A 460 19.40 -27.72 -5.47
N THR A 461 19.95 -28.10 -6.61
CA THR A 461 19.29 -27.92 -7.90
C THR A 461 18.29 -29.04 -8.19
N ASN A 462 18.30 -30.11 -7.39
CA ASN A 462 17.44 -31.28 -7.58
C ASN A 462 17.74 -32.00 -8.89
N ARG A 463 19.00 -31.98 -9.31
CA ARG A 463 19.47 -32.76 -10.45
C ARG A 463 20.63 -33.64 -10.00
N MET A 464 20.69 -34.86 -10.53
CA MET A 464 21.67 -35.85 -10.11
C MET A 464 22.83 -35.86 -11.10
N THR A 465 24.03 -35.62 -10.61
CA THR A 465 25.24 -35.68 -11.42
C THR A 465 26.27 -36.54 -10.70
N VAL A 466 26.84 -37.50 -11.42
CA VAL A 466 27.82 -38.43 -10.87
C VAL A 466 29.22 -37.93 -11.23
N VAL A 467 30.13 -38.00 -10.26
CA VAL A 467 31.50 -37.56 -10.45
C VAL A 467 32.50 -38.67 -10.16
N GLN A 468 32.31 -39.42 -9.07
CA GLN A 468 33.27 -40.42 -8.63
C GLN A 468 32.57 -41.76 -8.45
N ALA A 469 33.30 -42.84 -8.72
CA ALA A 469 32.73 -44.18 -8.64
C ALA A 469 33.81 -45.19 -8.30
N TYR A 470 33.44 -46.20 -7.50
CA TYR A 470 34.35 -47.27 -7.10
C TYR A 470 33.92 -48.53 -7.86
N VAL A 471 34.70 -48.91 -8.87
CA VAL A 471 34.38 -50.05 -9.72
C VAL A 471 35.65 -50.83 -10.01
N GLY A 472 35.53 -52.15 -10.08
CA GLY A 472 36.68 -53.00 -10.33
C GLY A 472 37.74 -52.90 -9.26
N ASP A 473 37.33 -52.68 -8.01
CA ASP A 473 38.23 -52.44 -6.88
C ASP A 473 39.13 -51.23 -7.11
N VAL A 474 38.78 -50.40 -8.08
CA VAL A 474 39.52 -49.19 -8.41
C VAL A 474 38.61 -47.99 -8.15
N HIS A 475 39.10 -47.05 -7.35
CA HIS A 475 38.42 -45.79 -7.16
C HIS A 475 38.67 -44.89 -8.37
N TYR A 476 37.66 -44.11 -8.75
CA TYR A 476 37.74 -43.20 -9.88
C TYR A 476 37.17 -41.85 -9.44
N LYS A 477 38.06 -40.90 -9.22
CA LYS A 477 37.64 -39.53 -8.96
C LYS A 477 36.99 -38.89 -10.18
N GLU A 478 37.28 -39.41 -11.37
CA GLU A 478 36.67 -38.98 -12.61
C GLU A 478 36.00 -40.16 -13.28
N ILE A 479 35.10 -39.86 -14.22
CA ILE A 479 34.37 -40.91 -14.92
C ILE A 479 35.36 -41.69 -15.80
N PRO A 480 35.49 -42.99 -15.59
CA PRO A 480 36.44 -43.78 -16.39
C PRO A 480 35.86 -44.25 -17.71
N ASP A 481 36.74 -44.36 -18.71
CA ASP A 481 36.34 -44.87 -20.01
C ASP A 481 36.13 -46.38 -19.94
N PRO A 482 35.31 -46.93 -20.84
CA PRO A 482 35.11 -48.39 -20.85
C PRO A 482 36.35 -49.18 -21.24
N SER A 483 37.41 -48.52 -21.71
CA SER A 483 38.61 -49.23 -22.11
C SER A 483 39.31 -49.88 -20.91
N SER A 484 39.36 -49.18 -19.78
CA SER A 484 40.14 -49.60 -18.63
C SER A 484 39.42 -50.62 -17.75
N ILE A 485 38.27 -51.12 -18.20
CA ILE A 485 37.37 -51.87 -17.33
C ILE A 485 37.65 -53.36 -17.41
N ASN A 486 36.98 -54.11 -16.52
CA ASN A 486 37.15 -55.55 -16.36
C ASN A 486 36.22 -56.30 -17.31
N ALA A 487 36.10 -57.61 -17.13
CA ALA A 487 35.37 -58.48 -18.05
C ALA A 487 33.92 -58.67 -17.58
N LYS A 488 32.98 -58.52 -18.51
CA LYS A 488 31.55 -58.80 -18.36
C LYS A 488 30.86 -57.77 -17.46
N THR A 489 31.59 -56.81 -16.91
CA THR A 489 31.02 -55.93 -15.90
C THR A 489 30.05 -54.91 -16.51
N LEU A 490 30.36 -54.36 -17.69
CA LEU A 490 29.44 -53.41 -18.32
C LEU A 490 28.14 -54.07 -18.76
N GLU A 491 28.22 -55.21 -19.43
CA GLU A 491 26.98 -55.85 -19.91
C GLU A 491 26.08 -56.19 -18.74
N LEU A 492 26.63 -56.83 -17.71
CA LEU A 492 25.84 -57.18 -16.54
C LEU A 492 25.36 -55.95 -15.79
N LEU A 493 26.21 -54.93 -15.65
CA LEU A 493 25.84 -53.73 -14.91
C LEU A 493 24.72 -52.98 -15.60
N VAL A 494 24.84 -52.78 -16.91
CA VAL A 494 23.81 -52.09 -17.68
C VAL A 494 22.52 -52.89 -17.66
N ASN A 495 22.61 -54.22 -17.81
CA ASN A 495 21.41 -55.05 -17.76
C ASN A 495 20.73 -54.94 -16.40
N ALA A 496 21.52 -54.97 -15.32
CA ALA A 496 20.95 -54.87 -13.98
C ALA A 496 20.33 -53.50 -13.74
N ILE A 497 20.98 -52.44 -14.20
CA ILE A 497 20.44 -51.09 -14.02
C ILE A 497 19.14 -50.94 -14.79
N ALA A 498 19.10 -51.43 -16.04
CA ALA A 498 17.89 -51.31 -16.85
C ALA A 498 16.75 -52.13 -16.25
N ILE A 499 17.03 -53.37 -15.86
CA ILE A 499 15.98 -54.26 -15.36
C ILE A 499 15.47 -53.77 -14.01
N ASN A 500 16.38 -53.47 -13.10
CA ASN A 500 16.00 -53.17 -11.72
C ASN A 500 15.25 -51.85 -11.63
N SER A 501 15.65 -50.86 -12.43
CA SER A 501 15.01 -49.56 -12.40
C SER A 501 13.61 -49.63 -13.01
N ALA A 502 12.78 -48.66 -12.63
CA ALA A 502 11.42 -48.57 -13.16
C ALA A 502 11.45 -48.28 -14.66
N TYR A 503 10.61 -49.00 -15.40
CA TYR A 503 10.59 -48.84 -16.86
C TYR A 503 9.84 -47.59 -17.29
N THR A 504 8.82 -47.17 -16.53
CA THR A 504 7.99 -46.04 -16.95
C THR A 504 8.79 -44.75 -17.02
N THR A 505 9.82 -44.62 -16.19
CA THR A 505 10.64 -43.40 -16.17
C THR A 505 11.60 -43.41 -17.34
N LYS A 506 11.46 -42.45 -18.24
CA LYS A 506 12.30 -42.34 -19.44
C LYS A 506 12.96 -40.97 -19.46
N ILE A 507 14.27 -40.96 -19.73
CA ILE A 507 15.00 -39.70 -19.91
C ILE A 507 14.64 -39.16 -21.28
N LEU A 508 13.99 -38.00 -21.30
CA LEU A 508 13.60 -37.39 -22.56
C LEU A 508 14.83 -36.89 -23.30
N PRO A 509 14.77 -36.81 -24.63
CA PRO A 509 15.85 -36.18 -25.38
C PRO A 509 16.02 -34.74 -24.94
N PRO A 510 17.24 -34.21 -25.01
CA PRO A 510 17.50 -32.87 -24.44
C PRO A 510 16.55 -31.81 -25.00
N GLU A 511 16.60 -31.59 -26.32
CA GLU A 511 15.70 -30.68 -27.02
C GLU A 511 15.45 -29.39 -26.28
N LYS A 512 16.47 -28.86 -25.62
CA LYS A 512 16.36 -27.66 -24.80
C LYS A 512 17.04 -26.46 -25.43
N GLU A 513 17.23 -26.48 -26.75
CA GLU A 513 17.91 -25.42 -27.49
C GLU A 513 19.32 -25.18 -26.93
N GLY A 514 20.13 -26.23 -26.99
CA GLY A 514 21.49 -26.18 -26.49
C GLY A 514 21.59 -26.02 -24.99
N ALA A 515 20.80 -26.78 -24.23
CA ALA A 515 20.83 -26.73 -22.77
C ALA A 515 20.84 -28.16 -22.24
N LEU A 516 20.71 -28.29 -20.92
CA LEU A 516 20.78 -29.60 -20.29
C LEU A 516 19.56 -30.44 -20.62
N PRO A 517 19.72 -31.76 -20.71
CA PRO A 517 18.58 -32.63 -21.01
C PRO A 517 17.57 -32.67 -19.89
N ARG A 518 16.32 -32.94 -20.25
CA ARG A 518 15.25 -33.02 -19.25
C ARG A 518 15.37 -34.30 -18.43
N GLN A 519 15.04 -34.18 -17.15
CA GLN A 519 15.06 -35.31 -16.22
C GLN A 519 13.65 -35.58 -15.75
N VAL A 520 13.18 -36.81 -15.93
CA VAL A 520 11.84 -37.23 -15.54
C VAL A 520 11.93 -38.51 -14.74
N GLY A 521 11.10 -38.62 -13.69
CA GLY A 521 11.07 -39.81 -12.87
C GLY A 521 11.79 -39.63 -11.55
N ASN A 522 12.35 -40.73 -11.02
CA ASN A 522 13.16 -40.64 -9.82
C ASN A 522 14.47 -39.94 -10.12
N LYS A 523 14.88 -39.03 -9.22
CA LYS A 523 16.12 -38.29 -9.43
C LYS A 523 17.33 -39.21 -9.48
N THR A 524 17.49 -40.07 -8.47
CA THR A 524 18.67 -40.94 -8.42
C THR A 524 18.67 -41.92 -9.58
N GLU A 525 17.51 -42.48 -9.91
CA GLU A 525 17.40 -43.39 -11.04
C GLU A 525 17.78 -42.70 -12.34
N CYS A 526 17.30 -41.46 -12.53
CA CYS A 526 17.67 -40.70 -13.71
C CYS A 526 19.16 -40.43 -13.75
N GLY A 527 19.78 -40.22 -12.57
CA GLY A 527 21.22 -40.05 -12.53
C GLY A 527 21.96 -41.30 -12.97
N LEU A 528 21.51 -42.47 -12.51
CA LEU A 528 22.14 -43.71 -12.96
C LEU A 528 21.98 -43.90 -14.46
N LEU A 529 20.79 -43.61 -14.99
CA LEU A 529 20.60 -43.74 -16.44
C LEU A 529 21.47 -42.76 -17.21
N GLY A 530 21.62 -41.54 -16.70
CA GLY A 530 22.51 -40.59 -17.34
C GLY A 530 23.95 -41.03 -17.31
N PHE A 531 24.38 -41.63 -16.20
CA PHE A 531 25.73 -42.20 -16.14
C PHE A 531 25.90 -43.33 -17.16
N VAL A 532 24.89 -44.19 -17.28
CA VAL A 532 24.96 -45.28 -18.26
C VAL A 532 25.08 -44.72 -19.67
N LEU A 533 24.28 -43.70 -19.99
CA LEU A 533 24.37 -43.08 -21.30
C LEU A 533 25.72 -42.39 -21.50
N ASP A 534 26.31 -41.85 -20.43
CA ASP A 534 27.63 -41.23 -20.53
C ASP A 534 28.70 -42.27 -20.83
N LEU A 535 28.50 -43.51 -20.38
CA LEU A 535 29.46 -44.58 -20.62
C LEU A 535 29.32 -45.19 -22.02
N ARG A 536 28.60 -44.52 -22.92
CA ARG A 536 28.38 -44.99 -24.28
C ARG A 536 27.66 -46.34 -24.30
N GLN A 537 26.62 -46.46 -23.49
CA GLN A 537 25.72 -47.60 -23.51
C GLN A 537 24.28 -47.11 -23.46
N ASP A 538 23.40 -47.83 -24.14
CA ASP A 538 21.98 -47.49 -24.22
C ASP A 538 21.17 -48.63 -23.63
N TYR A 539 20.30 -48.29 -22.68
CA TYR A 539 19.42 -49.26 -22.04
C TYR A 539 18.11 -49.49 -22.79
N GLU A 540 17.79 -48.66 -23.79
CA GLU A 540 16.56 -48.87 -24.55
C GLU A 540 16.53 -50.20 -25.29
N PRO A 541 17.58 -50.62 -26.01
CA PRO A 541 17.51 -51.95 -26.66
C PRO A 541 17.31 -53.09 -25.68
N VAL A 542 17.91 -53.00 -24.49
CA VAL A 542 17.71 -54.06 -23.50
C VAL A 542 16.30 -54.04 -22.95
N ARG A 543 15.79 -52.86 -22.61
CA ARG A 543 14.46 -52.76 -22.02
C ARG A 543 13.38 -53.17 -23.01
N SER A 544 13.56 -52.86 -24.30
CA SER A 544 12.55 -53.21 -25.29
C SER A 544 12.40 -54.72 -25.41
N GLN A 545 13.51 -55.46 -25.32
CA GLN A 545 13.49 -56.92 -25.44
C GLN A 545 13.31 -57.62 -24.10
N MET A 546 13.03 -56.87 -23.02
CA MET A 546 13.01 -57.44 -21.68
C MET A 546 11.58 -57.37 -21.16
N PRO A 547 10.78 -58.43 -21.27
CA PRO A 547 9.36 -58.35 -20.93
C PRO A 547 9.12 -58.38 -19.43
N GLU A 548 7.96 -57.86 -19.03
CA GLU A 548 7.64 -57.74 -17.61
C GLU A 548 7.33 -59.08 -16.95
N GLU A 549 7.04 -60.12 -17.74
CA GLU A 549 6.71 -61.42 -17.15
C GLU A 549 7.93 -62.05 -16.48
N LYS A 550 9.14 -61.76 -16.96
CA LYS A 550 10.34 -62.35 -16.37
C LYS A 550 10.56 -61.86 -14.94
N LEU A 551 10.13 -60.63 -14.63
CA LEU A 551 10.26 -60.10 -13.28
C LEU A 551 9.04 -60.51 -12.48
N TYR A 552 9.12 -61.68 -11.85
CA TYR A 552 8.01 -62.17 -11.05
C TYR A 552 7.92 -61.46 -9.70
N LYS A 553 9.05 -61.13 -9.11
CA LYS A 553 9.09 -60.49 -7.80
C LYS A 553 9.79 -59.15 -7.90
N VAL A 554 9.11 -58.10 -7.44
CA VAL A 554 9.67 -56.75 -7.39
C VAL A 554 9.40 -56.19 -6.00
N TYR A 555 10.47 -55.90 -5.27
CA TYR A 555 10.38 -55.24 -3.97
C TYR A 555 10.64 -53.76 -4.19
N THR A 556 9.56 -52.97 -4.16
CA THR A 556 9.67 -51.53 -4.32
C THR A 556 10.25 -50.90 -3.05
N PHE A 557 10.96 -49.79 -3.24
CA PHE A 557 11.64 -49.13 -2.13
C PHE A 557 10.62 -48.69 -1.07
N ASN A 558 10.74 -49.25 0.12
CA ASN A 558 9.92 -48.90 1.26
C ASN A 558 10.81 -48.37 2.39
N SER A 559 10.21 -47.58 3.27
CA SER A 559 10.97 -47.00 4.37
C SER A 559 11.54 -48.07 5.29
N VAL A 560 10.79 -49.16 5.51
CA VAL A 560 11.25 -50.22 6.41
C VAL A 560 12.43 -50.97 5.78
N ARG A 561 12.29 -51.36 4.52
CA ARG A 561 13.32 -52.18 3.89
C ARG A 561 14.56 -51.39 3.49
N LYS A 562 14.39 -50.13 3.10
CA LYS A 562 15.50 -49.24 2.74
C LYS A 562 16.29 -49.79 1.55
N SER A 563 15.62 -50.50 0.64
CA SER A 563 16.25 -51.03 -0.56
C SER A 563 15.17 -51.30 -1.59
N MET A 564 15.58 -51.41 -2.85
CA MET A 564 14.63 -51.67 -3.93
C MET A 564 15.29 -52.65 -4.88
N SER A 565 14.57 -53.72 -5.23
CA SER A 565 15.19 -54.84 -5.92
C SER A 565 14.16 -55.59 -6.76
N THR A 566 14.68 -56.48 -7.61
CA THR A 566 13.85 -57.30 -8.49
C THR A 566 14.51 -58.65 -8.69
N VAL A 567 13.69 -59.64 -9.08
CA VAL A 567 14.13 -61.01 -9.31
C VAL A 567 13.62 -61.46 -10.67
N ILE A 568 14.46 -62.20 -11.40
CA ILE A 568 14.11 -62.75 -12.71
C ILE A 568 14.50 -64.22 -12.73
N LYS A 569 13.63 -65.05 -13.33
CA LYS A 569 13.86 -66.49 -13.39
C LYS A 569 14.36 -66.95 -14.75
N MET A 570 15.06 -66.07 -15.48
CA MET A 570 15.54 -66.45 -16.81
C MET A 570 16.56 -67.58 -16.79
N PRO A 571 17.55 -67.63 -15.89
CA PRO A 571 18.54 -68.71 -15.96
C PRO A 571 17.90 -70.06 -15.69
N ASP A 572 18.47 -71.09 -16.30
CA ASP A 572 17.96 -72.45 -16.13
C ASP A 572 18.37 -72.99 -14.77
N GLU A 573 17.38 -73.49 -14.02
CA GLU A 573 17.58 -74.05 -12.69
C GLU A 573 18.22 -73.04 -11.74
N SER A 574 17.98 -71.75 -11.99
CA SER A 574 18.52 -70.69 -11.15
C SER A 574 17.67 -69.44 -11.37
N PHE A 575 17.86 -68.46 -10.48
CA PHE A 575 17.24 -67.16 -10.61
C PHE A 575 18.28 -66.09 -10.33
N ARG A 576 18.09 -64.91 -10.90
CA ARG A 576 19.02 -63.80 -10.73
C ARG A 576 18.28 -62.62 -10.12
N MET A 577 18.79 -62.09 -9.02
CA MET A 577 18.17 -60.93 -8.39
C MET A 577 19.16 -59.77 -8.38
N TYR A 578 18.62 -58.57 -8.63
CA TYR A 578 19.36 -57.32 -8.67
C TYR A 578 18.77 -56.38 -7.62
N SER A 579 19.63 -55.85 -6.75
CA SER A 579 19.21 -54.99 -5.66
C SER A 579 19.98 -53.68 -5.70
N LYS A 580 19.32 -52.61 -5.28
CA LYS A 580 19.95 -51.31 -5.10
C LYS A 580 19.61 -50.77 -3.73
N GLY A 581 20.62 -50.22 -3.06
CA GLY A 581 20.44 -49.69 -1.72
C GLY A 581 21.32 -48.49 -1.48
N ALA A 582 21.20 -47.93 -0.29
CA ALA A 582 21.96 -46.74 0.11
C ALA A 582 23.40 -47.05 0.47
N SER A 583 23.90 -48.24 0.12
CA SER A 583 25.26 -48.73 0.33
C SER A 583 25.55 -49.04 1.81
N GLU A 584 24.60 -48.82 2.71
CA GLU A 584 24.74 -49.26 4.09
C GLU A 584 23.85 -50.44 4.43
N ILE A 585 22.61 -50.44 3.94
CA ILE A 585 21.72 -51.58 4.18
C ILE A 585 22.18 -52.78 3.38
N VAL A 586 22.55 -52.59 2.11
CA VAL A 586 22.94 -53.70 1.26
C VAL A 586 24.39 -54.13 1.50
N LEU A 587 25.20 -53.29 2.15
CA LEU A 587 26.57 -53.69 2.45
C LEU A 587 26.59 -54.87 3.42
N LYS A 588 25.66 -54.90 4.38
CA LYS A 588 25.58 -56.03 5.28
C LYS A 588 25.14 -57.29 4.55
N LYS A 589 24.27 -57.15 3.54
CA LYS A 589 23.77 -58.31 2.83
C LYS A 589 24.85 -58.96 1.97
N CYS A 590 25.64 -58.15 1.26
CA CYS A 590 26.63 -58.71 0.34
C CYS A 590 27.73 -59.43 1.09
N CYS A 591 28.14 -60.59 0.56
CA CYS A 591 29.16 -61.41 1.19
C CYS A 591 30.25 -61.84 0.20
N LYS A 592 30.24 -61.32 -1.02
CA LYS A 592 31.29 -61.57 -1.99
C LYS A 592 31.60 -60.30 -2.77
N ILE A 593 32.81 -60.23 -3.30
CA ILE A 593 33.29 -59.04 -4.01
C ILE A 593 33.50 -59.43 -5.47
N LEU A 594 32.74 -58.79 -6.36
CA LEU A 594 32.78 -59.11 -7.79
C LEU A 594 33.87 -58.35 -8.53
N SER A 595 34.63 -57.50 -7.85
CA SER A 595 35.52 -56.55 -8.51
C SER A 595 36.94 -57.07 -8.67
N GLY A 596 37.21 -58.33 -8.31
CA GLY A 596 38.57 -58.85 -8.42
C GLY A 596 39.06 -58.97 -9.85
N ALA A 597 38.48 -59.91 -10.60
CA ALA A 597 38.78 -60.07 -12.02
C ALA A 597 37.50 -60.35 -12.79
N GLY A 598 36.43 -59.65 -12.43
CA GLY A 598 35.11 -59.98 -12.94
C GLY A 598 34.49 -61.19 -12.28
N GLU A 599 35.08 -61.68 -11.19
CA GLU A 599 34.63 -62.88 -10.51
C GLU A 599 34.47 -62.58 -9.03
N ALA A 600 33.63 -63.40 -8.38
CA ALA A 600 33.38 -63.23 -6.96
C ALA A 600 34.60 -63.59 -6.13
N ARG A 601 34.76 -62.89 -5.00
CA ARG A 601 35.85 -63.14 -4.07
C ARG A 601 35.29 -63.38 -2.67
N VAL A 602 36.16 -63.38 -1.67
CA VAL A 602 35.75 -63.60 -0.28
C VAL A 602 35.59 -62.24 0.39
N PHE A 603 34.37 -61.97 0.89
CA PHE A 603 34.07 -60.76 1.63
C PHE A 603 33.74 -61.13 3.07
N ARG A 604 34.40 -60.46 4.02
CA ARG A 604 34.37 -60.82 5.42
C ARG A 604 34.22 -59.56 6.26
N PRO A 605 33.82 -59.70 7.53
CA PRO A 605 33.86 -58.54 8.43
C PRO A 605 35.27 -58.00 8.67
N ARG A 606 36.30 -58.79 8.42
CA ARG A 606 37.66 -58.34 8.65
C ARG A 606 38.06 -57.23 7.68
N ASP A 607 37.73 -57.38 6.40
CA ASP A 607 37.99 -56.33 5.42
C ASP A 607 36.79 -55.40 5.25
N ARG A 608 35.70 -55.66 5.97
CA ARG A 608 34.59 -54.73 5.95
C ARG A 608 35.02 -53.36 6.45
N ASP A 609 35.85 -53.33 7.49
CA ASP A 609 36.37 -52.07 7.99
C ASP A 609 37.19 -51.36 6.92
N GLU A 610 38.08 -52.09 6.24
CA GLU A 610 38.96 -51.39 5.28
C GLU A 610 38.11 -50.84 4.13
N MET A 611 37.18 -51.64 3.61
CA MET A 611 36.36 -51.19 2.45
C MET A 611 35.52 -49.97 2.84
N VAL A 612 34.93 -49.98 4.05
CA VAL A 612 34.02 -48.85 4.41
C VAL A 612 34.89 -47.61 4.67
N LYS A 613 36.10 -47.79 5.20
CA LYS A 613 36.97 -46.63 5.36
C LYS A 613 37.41 -46.06 4.03
N LYS A 614 37.69 -46.92 3.05
CA LYS A 614 38.19 -46.46 1.77
C LYS A 614 37.08 -45.86 0.90
N VAL A 615 35.84 -46.30 1.09
CA VAL A 615 34.76 -45.89 0.20
C VAL A 615 33.87 -44.84 0.84
N ILE A 616 33.24 -45.18 1.97
CA ILE A 616 32.16 -44.34 2.47
C ILE A 616 32.67 -42.98 2.94
N GLU A 617 33.81 -42.97 3.64
CA GLU A 617 34.29 -41.74 4.25
C GLU A 617 34.61 -40.64 3.23
N PRO A 618 35.36 -40.89 2.14
CA PRO A 618 35.64 -39.78 1.22
C PRO A 618 34.42 -39.23 0.51
N MET A 619 33.50 -40.09 0.05
CA MET A 619 32.28 -39.58 -0.58
C MET A 619 31.45 -38.79 0.41
N ALA A 620 31.32 -39.28 1.64
CA ALA A 620 30.56 -38.56 2.66
C ALA A 620 31.18 -37.20 2.95
N CYS A 621 32.51 -37.14 3.03
CA CYS A 621 33.18 -35.86 3.23
C CYS A 621 32.95 -34.92 2.04
N ASP A 622 32.96 -35.47 0.83
CA ASP A 622 32.72 -34.66 -0.36
C ASP A 622 31.27 -34.25 -0.52
N GLY A 623 30.35 -34.86 0.23
CA GLY A 623 28.95 -34.50 0.14
C GLY A 623 28.21 -35.28 -0.92
N LEU A 624 28.42 -36.59 -0.95
CA LEU A 624 27.83 -37.46 -1.95
C LEU A 624 27.11 -38.62 -1.26
N ARG A 625 25.83 -38.79 -1.59
CA ARG A 625 25.11 -39.96 -1.13
C ARG A 625 25.50 -41.17 -1.97
N THR A 626 25.65 -42.31 -1.31
CA THR A 626 26.20 -43.51 -1.95
C THR A 626 25.07 -44.48 -2.27
N ILE A 627 25.09 -45.01 -3.50
CA ILE A 627 24.16 -46.02 -3.96
C ILE A 627 24.95 -47.25 -4.37
N CYS A 628 24.56 -48.41 -3.85
CA CYS A 628 25.25 -49.66 -4.12
C CYS A 628 24.31 -50.61 -4.85
N VAL A 629 24.85 -51.28 -5.87
CA VAL A 629 24.11 -52.24 -6.68
C VAL A 629 24.74 -53.61 -6.47
N ALA A 630 23.90 -54.59 -6.14
CA ALA A 630 24.35 -55.95 -5.88
C ALA A 630 23.48 -56.92 -6.67
N TYR A 631 24.02 -58.12 -6.90
CA TYR A 631 23.27 -59.17 -7.56
C TYR A 631 23.61 -60.51 -6.93
N ARG A 632 22.70 -61.47 -7.11
CA ARG A 632 22.97 -62.84 -6.68
C ARG A 632 22.17 -63.83 -7.51
N ASP A 633 22.64 -65.09 -7.50
CA ASP A 633 21.99 -66.20 -8.18
C ASP A 633 21.37 -67.13 -7.14
N PHE A 634 20.05 -67.01 -6.96
CA PHE A 634 19.31 -67.94 -6.13
C PHE A 634 19.29 -69.32 -6.79
N PRO A 635 19.57 -70.38 -6.05
CA PRO A 635 19.35 -71.73 -6.58
C PRO A 635 17.87 -72.03 -6.70
N SER A 636 17.55 -72.98 -7.58
CA SER A 636 16.16 -73.39 -7.81
C SER A 636 15.72 -74.34 -6.69
N SER A 637 15.48 -73.75 -5.53
CA SER A 637 14.96 -74.51 -4.39
C SER A 637 13.51 -74.91 -4.65
N PRO A 638 13.04 -75.96 -3.97
CA PRO A 638 11.63 -76.35 -4.15
C PRO A 638 10.65 -75.25 -3.82
N GLU A 639 10.94 -74.42 -2.82
CA GLU A 639 10.09 -73.29 -2.48
C GLU A 639 10.89 -72.25 -1.71
N PRO A 640 11.60 -71.35 -2.38
CA PRO A 640 12.27 -70.26 -1.67
C PRO A 640 11.26 -69.35 -0.97
N ASP A 641 11.66 -68.85 0.19
CA ASP A 641 10.80 -67.98 1.00
C ASP A 641 11.19 -66.53 0.73
N TRP A 642 10.58 -65.95 -0.31
CA TRP A 642 10.85 -64.57 -0.67
C TRP A 642 10.11 -63.57 0.21
N ASP A 643 9.14 -64.02 1.00
CA ASP A 643 8.40 -63.10 1.86
C ASP A 643 9.30 -62.46 2.90
N ASN A 644 10.17 -63.25 3.52
CA ASN A 644 11.10 -62.75 4.53
C ASN A 644 12.36 -62.26 3.83
N GLU A 645 12.25 -61.04 3.26
CA GLU A 645 13.34 -60.47 2.49
C GLU A 645 14.57 -60.18 3.36
N ASN A 646 14.43 -60.13 4.67
CA ASN A 646 15.58 -59.86 5.53
C ASN A 646 16.62 -60.97 5.46
N ASP A 647 16.16 -62.22 5.35
CA ASP A 647 17.06 -63.37 5.37
C ASP A 647 17.36 -63.94 3.99
N ILE A 648 16.36 -64.05 3.12
CA ILE A 648 16.59 -64.64 1.81
C ILE A 648 17.48 -63.75 0.96
N LEU A 649 17.34 -62.43 1.09
CA LEU A 649 18.14 -61.49 0.32
C LEU A 649 19.47 -61.25 1.04
N ASN A 650 20.30 -62.28 1.03
CA ASN A 650 21.60 -62.26 1.70
C ASN A 650 22.65 -62.88 0.78
N GLU A 651 23.91 -62.67 1.15
CA GLU A 651 25.06 -63.21 0.42
C GLU A 651 25.07 -62.72 -1.04
N LEU A 652 25.17 -61.41 -1.18
CA LEU A 652 25.15 -60.75 -2.48
C LEU A 652 26.57 -60.49 -2.98
N THR A 653 26.66 -60.10 -4.24
CA THR A 653 27.92 -59.66 -4.84
C THR A 653 27.71 -58.24 -5.37
N CYS A 654 28.56 -57.31 -4.92
CA CYS A 654 28.41 -55.91 -5.29
C CYS A 654 29.08 -55.66 -6.64
N ILE A 655 28.30 -55.16 -7.60
CA ILE A 655 28.85 -54.86 -8.91
C ILE A 655 29.81 -53.67 -8.83
N CYS A 656 29.39 -52.60 -8.18
CA CYS A 656 30.19 -51.38 -8.03
C CYS A 656 29.50 -50.49 -7.01
N VAL A 657 30.10 -49.33 -6.76
CA VAL A 657 29.52 -48.31 -5.91
C VAL A 657 29.54 -46.98 -6.66
N VAL A 658 28.41 -46.29 -6.68
CA VAL A 658 28.26 -45.04 -7.41
C VAL A 658 27.93 -43.93 -6.42
N GLY A 659 28.69 -42.84 -6.50
CA GLY A 659 28.44 -41.67 -5.69
C GLY A 659 27.73 -40.60 -6.50
N ILE A 660 26.57 -40.19 -6.00
CA ILE A 660 25.70 -39.26 -6.72
C ILE A 660 25.40 -38.07 -5.81
N GLU A 661 25.31 -36.88 -6.40
CA GLU A 661 25.10 -35.66 -5.63
C GLU A 661 24.39 -34.63 -6.49
N ASP A 662 23.84 -33.62 -5.82
CA ASP A 662 23.19 -32.49 -6.46
C ASP A 662 23.97 -31.21 -6.21
N PRO A 663 24.29 -30.44 -7.24
CA PRO A 663 25.06 -29.21 -7.03
C PRO A 663 24.28 -28.21 -6.20
N VAL A 664 25.01 -27.46 -5.38
CA VAL A 664 24.41 -26.38 -4.60
C VAL A 664 24.31 -25.15 -5.48
N ARG A 665 23.19 -24.43 -5.38
CA ARG A 665 22.96 -23.29 -6.25
C ARG A 665 24.01 -22.21 -5.99
N PRO A 666 24.33 -21.40 -7.01
CA PRO A 666 25.34 -20.34 -6.81
C PRO A 666 24.86 -19.18 -5.99
N GLU A 667 23.55 -19.04 -5.74
CA GLU A 667 23.03 -17.88 -5.04
C GLU A 667 22.89 -18.10 -3.54
N VAL A 668 22.74 -19.35 -3.09
CA VAL A 668 22.50 -19.60 -1.67
C VAL A 668 23.64 -19.13 -0.76
N PRO A 669 24.92 -19.25 -1.12
CA PRO A 669 25.95 -18.75 -0.18
C PRO A 669 25.80 -17.27 0.14
N GLU A 670 25.63 -16.43 -0.88
CA GLU A 670 25.50 -14.99 -0.66
C GLU A 670 24.22 -14.67 0.12
N ALA A 671 23.12 -15.36 -0.22
CA ALA A 671 21.87 -15.13 0.50
C ALA A 671 21.99 -15.50 1.97
N ILE A 672 22.67 -16.61 2.26
CA ILE A 672 22.85 -17.03 3.64
C ILE A 672 23.73 -16.04 4.39
N ARG A 673 24.79 -15.57 3.74
CA ARG A 673 25.65 -14.56 4.37
C ARG A 673 24.86 -13.29 4.66
N LYS A 674 24.02 -12.87 3.71
CA LYS A 674 23.21 -11.67 3.92
C LYS A 674 22.22 -11.85 5.06
N CYS A 675 21.58 -13.03 5.13
CA CYS A 675 20.65 -13.29 6.22
C CYS A 675 21.35 -13.30 7.57
N GLN A 676 22.55 -13.88 7.64
CA GLN A 676 23.28 -13.86 8.89
C GLN A 676 23.73 -12.45 9.25
N ARG A 677 23.99 -11.61 8.25
CA ARG A 677 24.31 -10.21 8.52
C ARG A 677 23.10 -9.47 9.05
N ALA A 678 21.90 -9.82 8.57
CA ALA A 678 20.67 -9.14 8.94
C ALA A 678 20.07 -9.64 10.24
N GLY A 679 20.86 -10.31 11.07
CA GLY A 679 20.37 -10.75 12.37
C GLY A 679 19.47 -11.96 12.37
N ILE A 680 19.31 -12.62 11.23
CA ILE A 680 18.45 -13.79 11.11
C ILE A 680 19.33 -15.02 11.06
N THR A 681 19.09 -15.97 11.97
CA THR A 681 19.84 -17.22 11.99
C THR A 681 19.09 -18.30 11.22
N VAL A 682 19.82 -19.06 10.42
CA VAL A 682 19.25 -20.07 9.53
C VAL A 682 19.73 -21.43 10.01
N ARG A 683 18.77 -22.31 10.31
CA ARG A 683 19.05 -23.69 10.65
C ARG A 683 18.60 -24.60 9.51
N MET A 684 19.12 -25.82 9.51
CA MET A 684 18.91 -26.78 8.44
C MET A 684 18.33 -28.07 9.02
N VAL A 685 17.24 -28.54 8.42
CA VAL A 685 16.60 -29.78 8.83
C VAL A 685 16.44 -30.66 7.59
N THR A 686 16.93 -31.89 7.67
CA THR A 686 16.91 -32.78 6.51
C THR A 686 16.85 -34.23 6.99
N GLY A 687 16.42 -35.10 6.09
CA GLY A 687 16.32 -36.52 6.39
C GLY A 687 17.52 -37.35 6.01
N ASP A 688 18.48 -36.79 5.29
CA ASP A 688 19.65 -37.55 4.89
C ASP A 688 20.57 -37.81 6.08
N ASN A 689 21.60 -38.60 5.85
CA ASN A 689 22.53 -38.96 6.92
C ASN A 689 23.34 -37.75 7.35
N ILE A 690 23.86 -37.82 8.58
CA ILE A 690 24.53 -36.68 9.19
C ILE A 690 25.79 -36.29 8.43
N ASN A 691 26.51 -37.27 7.89
CA ASN A 691 27.78 -36.98 7.21
C ASN A 691 27.56 -36.07 6.01
N THR A 692 26.66 -36.45 5.11
CA THR A 692 26.40 -35.63 3.94
C THR A 692 25.72 -34.32 4.31
N ALA A 693 24.90 -34.33 5.36
CA ALA A 693 24.27 -33.09 5.82
C ALA A 693 25.32 -32.08 6.24
N ARG A 694 26.30 -32.51 7.04
CA ARG A 694 27.36 -31.61 7.47
C ARG A 694 28.25 -31.21 6.29
N ALA A 695 28.48 -32.13 5.36
CA ALA A 695 29.29 -31.80 4.18
C ALA A 695 28.62 -30.72 3.34
N ILE A 696 27.30 -30.79 3.20
CA ILE A 696 26.58 -29.75 2.46
C ILE A 696 26.56 -28.46 3.24
N ALA A 697 26.35 -28.55 4.57
CA ALA A 697 26.23 -27.35 5.38
C ALA A 697 27.54 -26.56 5.43
N ILE A 698 28.67 -27.26 5.48
CA ILE A 698 29.96 -26.55 5.52
C ILE A 698 30.18 -25.77 4.23
N LYS A 699 29.72 -26.29 3.09
CA LYS A 699 29.85 -25.55 1.84
C LYS A 699 28.85 -24.41 1.77
N CYS A 700 27.63 -24.62 2.26
CA CYS A 700 26.60 -23.58 2.21
C CYS A 700 26.86 -22.44 3.17
N GLY A 701 27.78 -22.59 4.11
CA GLY A 701 28.09 -21.53 5.05
C GLY A 701 27.19 -21.47 6.27
N ILE A 702 26.29 -22.43 6.45
CA ILE A 702 25.45 -22.44 7.64
C ILE A 702 26.29 -22.59 8.90
N ILE A 703 27.25 -23.51 8.88
CA ILE A 703 28.10 -23.80 10.02
C ILE A 703 29.53 -23.44 9.66
N HIS A 704 30.19 -22.69 10.54
CA HIS A 704 31.59 -22.35 10.33
C HIS A 704 32.48 -23.58 10.57
N PRO A 705 33.61 -23.67 9.86
CA PRO A 705 34.50 -24.82 10.05
C PRO A 705 35.00 -24.97 11.48
N GLY A 706 35.65 -23.92 12.00
CA GLY A 706 36.21 -23.98 13.34
C GLY A 706 35.31 -23.40 14.41
N GLU A 707 34.13 -23.98 14.60
CA GLU A 707 33.21 -23.51 15.62
C GLU A 707 32.45 -24.70 16.21
N ASP A 708 31.97 -24.51 17.43
CA ASP A 708 31.29 -25.58 18.17
C ASP A 708 29.78 -25.47 17.99
N PHE A 709 29.33 -25.83 16.79
CA PHE A 709 27.91 -25.91 16.46
C PHE A 709 27.46 -27.36 16.46
N LEU A 710 26.42 -27.65 17.23
CA LEU A 710 25.93 -29.01 17.33
C LEU A 710 25.30 -29.46 16.02
N CYS A 711 25.50 -30.73 15.68
CA CYS A 711 24.95 -31.33 14.47
C CYS A 711 24.32 -32.68 14.79
N LEU A 712 23.61 -32.76 15.91
CA LEU A 712 23.00 -34.00 16.34
C LEU A 712 21.86 -34.40 15.42
N GLU A 713 21.61 -35.71 15.34
CA GLU A 713 20.56 -36.25 14.49
C GLU A 713 19.25 -36.37 15.27
N GLY A 714 18.25 -36.94 14.62
CA GLY A 714 16.93 -37.04 15.24
C GLY A 714 16.88 -37.95 16.44
N LYS A 715 17.64 -39.06 16.40
CA LYS A 715 17.59 -40.03 17.48
C LYS A 715 18.06 -39.41 18.79
N GLU A 716 19.25 -38.80 18.78
CA GLU A 716 19.76 -38.17 19.99
C GLU A 716 18.91 -36.98 20.40
N PHE A 717 18.37 -36.23 19.44
CA PHE A 717 17.46 -35.13 19.77
C PHE A 717 16.27 -35.63 20.57
N ASN A 718 15.59 -36.65 20.05
CA ASN A 718 14.42 -37.21 20.74
C ASN A 718 14.81 -37.78 22.10
N ARG A 719 15.96 -38.46 22.17
CA ARG A 719 16.38 -39.03 23.45
C ARG A 719 16.65 -37.94 24.48
N ARG A 720 17.32 -36.86 24.08
CA ARG A 720 17.62 -35.78 25.01
C ARG A 720 16.36 -35.09 25.49
N ILE A 721 15.42 -34.81 24.60
CA ILE A 721 14.22 -34.12 25.04
C ILE A 721 13.27 -35.02 25.81
N ARG A 722 13.50 -36.33 25.78
CA ARG A 722 12.65 -37.30 26.46
C ARG A 722 13.45 -38.16 27.44
N ASN A 723 14.41 -37.55 28.12
CA ASN A 723 15.13 -38.25 29.18
C ASN A 723 14.26 -38.52 30.39
N GLU A 724 13.08 -37.90 30.46
CA GLU A 724 12.12 -38.15 31.53
C GLU A 724 11.34 -39.43 31.25
N LYS A 725 10.20 -39.58 31.93
CA LYS A 725 9.37 -40.79 31.86
C LYS A 725 8.76 -41.00 30.47
N GLY A 726 9.09 -40.13 29.51
CA GLY A 726 8.61 -40.32 28.16
C GLY A 726 7.84 -39.16 27.59
N GLU A 727 8.12 -37.95 28.09
CA GLU A 727 7.45 -36.75 27.63
C GLU A 727 8.48 -35.69 27.29
N ILE A 728 8.03 -34.67 26.54
CA ILE A 728 8.88 -33.58 26.08
C ILE A 728 8.59 -32.36 26.94
N GLU A 729 9.65 -31.73 27.45
CA GLU A 729 9.52 -30.54 28.27
C GLU A 729 10.22 -29.36 27.59
N GLN A 730 9.73 -28.16 27.88
CA GLN A 730 10.31 -26.96 27.29
C GLN A 730 11.72 -26.71 27.80
N GLU A 731 11.97 -27.01 29.07
CA GLU A 731 13.25 -26.66 29.68
C GLU A 731 14.41 -27.37 28.99
N ARG A 732 14.26 -28.66 28.67
CA ARG A 732 15.32 -29.38 27.98
C ARG A 732 15.56 -28.81 26.60
N ILE A 733 14.49 -28.45 25.88
CA ILE A 733 14.64 -27.83 24.57
C ILE A 733 15.38 -26.50 24.68
N ASP A 734 15.18 -25.79 25.79
CA ASP A 734 15.79 -24.47 25.95
C ASP A 734 17.31 -24.53 25.95
N LYS A 735 17.91 -25.68 26.18
CA LYS A 735 19.35 -25.84 26.13
C LYS A 735 19.84 -26.48 24.83
N ILE A 736 18.94 -26.94 23.99
CA ILE A 736 19.30 -27.60 22.73
C ILE A 736 19.06 -26.70 21.53
N TRP A 737 17.90 -26.07 21.46
CA TRP A 737 17.58 -25.23 20.31
C TRP A 737 18.54 -24.08 20.06
N PRO A 738 19.04 -23.35 21.06
CA PRO A 738 19.88 -22.18 20.74
C PRO A 738 21.12 -22.52 19.93
N LYS A 739 21.68 -23.71 20.07
CA LYS A 739 22.92 -24.08 19.41
C LYS A 739 22.74 -25.32 18.54
N LEU A 740 21.57 -25.46 17.92
CA LEU A 740 21.29 -26.57 17.01
C LEU A 740 21.26 -26.01 15.59
N ARG A 741 22.17 -26.48 14.75
CA ARG A 741 22.29 -25.99 13.38
C ARG A 741 21.81 -26.99 12.35
N VAL A 742 22.29 -28.23 12.40
CA VAL A 742 21.98 -29.24 11.40
C VAL A 742 21.28 -30.41 12.08
N LEU A 743 20.15 -30.83 11.52
CA LEU A 743 19.40 -31.97 12.01
C LEU A 743 19.29 -33.00 10.89
N ALA A 744 19.59 -34.26 11.21
CA ALA A 744 19.65 -35.31 10.21
C ALA A 744 18.77 -36.47 10.62
N ARG A 745 18.29 -37.22 9.61
CA ARG A 745 17.39 -38.35 9.83
C ARG A 745 16.17 -37.92 10.65
N SER A 746 15.60 -36.78 10.30
CA SER A 746 14.54 -36.17 11.06
C SER A 746 13.19 -36.42 10.39
N SER A 747 12.27 -37.03 11.13
CA SER A 747 10.90 -37.14 10.67
C SER A 747 10.21 -35.78 10.76
N PRO A 748 9.14 -35.57 10.01
CA PRO A 748 8.46 -34.27 10.07
C PRO A 748 7.97 -33.90 11.46
N THR A 749 7.57 -34.89 12.27
CA THR A 749 7.16 -34.59 13.64
C THR A 749 8.31 -34.00 14.45
N ASP A 750 9.54 -34.40 14.14
CA ASP A 750 10.69 -33.77 14.79
C ASP A 750 10.81 -32.30 14.43
N LYS A 751 10.56 -31.96 13.16
CA LYS A 751 10.57 -30.56 12.76
C LYS A 751 9.47 -29.79 13.46
N HIS A 752 8.28 -30.39 13.58
CA HIS A 752 7.20 -29.74 14.30
C HIS A 752 7.57 -29.50 15.76
N THR A 753 8.20 -30.50 16.40
CA THR A 753 8.61 -30.34 17.78
C THR A 753 9.64 -29.24 17.92
N LEU A 754 10.60 -29.18 17.00
CA LEU A 754 11.62 -28.13 17.06
C LEU A 754 10.99 -26.75 16.91
N VAL A 755 10.07 -26.59 15.95
CA VAL A 755 9.43 -25.30 15.75
C VAL A 755 8.63 -24.91 16.98
N LYS A 756 7.86 -25.85 17.54
CA LYS A 756 7.08 -25.55 18.74
C LYS A 756 7.98 -25.15 19.90
N GLY A 757 9.08 -25.87 20.11
CA GLY A 757 9.97 -25.56 21.20
C GLY A 757 10.63 -24.20 21.05
N ILE A 758 11.00 -23.85 19.81
CA ILE A 758 11.66 -22.56 19.61
C ILE A 758 10.68 -21.42 19.76
N ILE A 759 9.46 -21.57 19.22
CA ILE A 759 8.56 -20.42 19.07
C ILE A 759 8.08 -19.92 20.43
N ASP A 760 7.81 -20.81 21.38
CA ASP A 760 7.24 -20.42 22.66
C ASP A 760 8.27 -20.40 23.78
N SER A 761 9.55 -20.48 23.47
CA SER A 761 10.57 -20.46 24.50
C SER A 761 10.68 -19.10 25.14
N THR A 762 10.93 -19.08 26.45
CA THR A 762 11.19 -17.85 27.20
C THR A 762 12.64 -17.72 27.59
N HIS A 763 13.52 -18.57 27.04
CA HIS A 763 14.93 -18.56 27.42
C HIS A 763 15.61 -17.23 27.10
N THR A 764 15.18 -16.56 26.05
CA THR A 764 15.76 -15.29 25.66
C THR A 764 14.76 -14.15 25.86
N GLU A 765 15.30 -12.94 25.93
CA GLU A 765 14.49 -11.79 26.32
C GLU A 765 13.52 -11.34 25.24
N GLN A 766 13.80 -11.61 23.97
CA GLN A 766 12.97 -11.17 22.87
C GLN A 766 12.26 -12.36 22.24
N ARG A 767 10.94 -12.26 22.12
CA ARG A 767 10.16 -13.38 21.60
C ARG A 767 10.58 -13.70 20.17
N GLN A 768 10.73 -14.99 19.88
CA GLN A 768 11.18 -15.46 18.59
C GLN A 768 10.01 -15.61 17.63
N VAL A 769 10.25 -15.27 16.37
CA VAL A 769 9.32 -15.52 15.27
C VAL A 769 10.08 -16.26 14.18
N VAL A 770 9.58 -17.42 13.79
CA VAL A 770 10.33 -18.32 12.91
C VAL A 770 9.59 -18.49 11.60
N ALA A 771 10.35 -18.90 10.58
CA ALA A 771 9.80 -19.18 9.27
C ALA A 771 10.32 -20.54 8.80
N VAL A 772 9.41 -21.49 8.62
CA VAL A 772 9.74 -22.83 8.19
C VAL A 772 9.27 -23.01 6.75
N THR A 773 10.05 -23.72 5.95
CA THR A 773 9.76 -23.87 4.53
C THR A 773 9.55 -25.34 4.21
N GLY A 774 8.77 -26.02 5.04
CA GLY A 774 8.50 -27.42 4.81
C GLY A 774 7.67 -27.66 3.56
N ASP A 775 7.82 -28.85 3.00
CA ASP A 775 7.07 -29.24 1.81
C ASP A 775 6.89 -30.75 1.83
N GLY A 776 5.66 -31.20 2.02
CA GLY A 776 5.38 -32.62 2.06
C GLY A 776 3.95 -32.83 2.51
N THR A 777 3.52 -34.09 2.40
CA THR A 777 2.16 -34.43 2.76
C THR A 777 1.96 -34.44 4.27
N ASN A 778 3.02 -34.71 5.04
CA ASN A 778 2.93 -34.74 6.49
C ASN A 778 3.45 -33.46 7.14
N ASP A 779 3.76 -32.44 6.35
CA ASP A 779 4.30 -31.19 6.87
C ASP A 779 3.20 -30.17 7.21
N GLY A 780 1.99 -30.64 7.49
CA GLY A 780 0.89 -29.75 7.78
C GLY A 780 1.05 -28.99 9.08
N PRO A 781 0.99 -29.69 10.22
CA PRO A 781 1.08 -29.00 11.51
C PRO A 781 2.37 -28.21 11.70
N ALA A 782 3.50 -28.74 11.24
CA ALA A 782 4.76 -28.02 11.40
C ALA A 782 4.75 -26.71 10.64
N LEU A 783 4.25 -26.72 9.41
CA LEU A 783 4.17 -25.50 8.63
C LEU A 783 3.16 -24.53 9.22
N LYS A 784 2.03 -25.04 9.70
CA LYS A 784 0.97 -24.17 10.21
C LYS A 784 1.35 -23.52 11.52
N LYS A 785 2.11 -24.21 12.38
CA LYS A 785 2.43 -23.69 13.70
C LYS A 785 3.26 -22.40 13.61
N ALA A 786 4.19 -22.34 12.67
CA ALA A 786 5.08 -21.20 12.57
C ALA A 786 4.30 -19.94 12.18
N ASP A 787 4.95 -18.79 12.34
CA ASP A 787 4.30 -17.52 12.04
C ASP A 787 4.00 -17.39 10.55
N VAL A 788 5.00 -17.63 9.71
CA VAL A 788 4.84 -17.60 8.26
C VAL A 788 5.53 -18.82 7.68
N GLY A 789 4.80 -19.59 6.88
CA GLY A 789 5.34 -20.82 6.34
C GLY A 789 5.43 -20.83 4.82
N PHE A 790 6.66 -20.85 4.31
CA PHE A 790 6.87 -20.88 2.87
C PHE A 790 6.61 -22.27 2.31
N ALA A 791 6.22 -22.30 1.05
CA ALA A 791 6.02 -23.56 0.33
C ALA A 791 6.70 -23.49 -1.02
N MET A 792 6.88 -24.65 -1.63
CA MET A 792 7.52 -24.75 -2.94
C MET A 792 6.48 -24.66 -4.05
N GLY A 793 6.88 -24.04 -5.16
CA GLY A 793 5.96 -23.86 -6.26
C GLY A 793 6.20 -24.78 -7.44
N ILE A 794 7.46 -24.98 -7.81
CA ILE A 794 7.77 -25.81 -8.97
C ILE A 794 7.45 -27.27 -8.71
N ALA A 795 7.88 -27.78 -7.55
CA ALA A 795 7.66 -29.17 -7.17
C ALA A 795 7.19 -29.19 -5.73
N GLY A 796 5.88 -29.09 -5.53
CA GLY A 796 5.31 -29.08 -4.20
C GLY A 796 3.93 -29.69 -4.15
N THR A 797 3.67 -30.47 -3.11
CA THR A 797 2.37 -31.11 -2.96
C THR A 797 1.30 -30.07 -2.65
N ASP A 798 0.10 -30.28 -3.19
CA ASP A 798 -0.98 -29.31 -3.00
C ASP A 798 -1.37 -29.19 -1.53
N VAL A 799 -1.20 -30.25 -0.75
CA VAL A 799 -1.51 -30.17 0.67
C VAL A 799 -0.58 -29.18 1.36
N ALA A 800 0.70 -29.18 1.00
CA ALA A 800 1.63 -28.21 1.55
C ALA A 800 1.28 -26.80 1.13
N LYS A 801 0.91 -26.60 -0.14
CA LYS A 801 0.55 -25.27 -0.61
C LYS A 801 -0.72 -24.76 0.05
N GLU A 802 -1.65 -25.66 0.41
CA GLU A 802 -2.93 -25.22 0.94
C GLU A 802 -2.78 -24.53 2.30
N ALA A 803 -1.81 -24.96 3.10
CA ALA A 803 -1.66 -24.45 4.46
C ALA A 803 -0.50 -23.48 4.61
N SER A 804 0.03 -22.96 3.51
CA SER A 804 1.20 -22.09 3.54
C SER A 804 0.79 -20.65 3.29
N ASP A 805 1.45 -19.72 4.00
CA ASP A 805 1.16 -18.31 3.83
C ASP A 805 1.74 -17.76 2.54
N ILE A 806 2.96 -18.16 2.19
CA ILE A 806 3.66 -17.66 1.01
C ILE A 806 4.23 -18.85 0.25
N ILE A 807 4.15 -18.79 -1.08
CA ILE A 807 4.76 -19.82 -1.91
C ILE A 807 5.83 -19.18 -2.77
N LEU A 808 6.86 -19.96 -3.09
CA LEU A 808 7.95 -19.52 -3.95
C LEU A 808 7.78 -20.18 -5.30
N THR A 809 7.65 -19.37 -6.35
CA THR A 809 7.42 -19.91 -7.69
C THR A 809 8.71 -20.37 -8.36
N ASP A 810 9.86 -20.20 -7.70
CA ASP A 810 11.12 -20.67 -8.25
C ASP A 810 11.91 -21.60 -7.34
N ASP A 811 11.44 -21.86 -6.13
CA ASP A 811 12.04 -22.76 -5.14
C ASP A 811 13.39 -22.27 -4.61
N ASN A 812 13.92 -21.17 -5.12
CA ASN A 812 15.24 -20.73 -4.72
C ASN A 812 15.20 -20.15 -3.31
N PHE A 813 16.29 -20.36 -2.56
CA PHE A 813 16.36 -19.80 -1.21
C PHE A 813 16.43 -18.28 -1.24
N SER A 814 17.09 -17.71 -2.25
CA SER A 814 17.24 -16.27 -2.31
C SER A 814 15.90 -15.55 -2.28
N SER A 815 14.86 -16.18 -2.85
CA SER A 815 13.53 -15.56 -2.83
C SER A 815 13.09 -15.28 -1.41
N ILE A 816 13.39 -16.19 -0.47
CA ILE A 816 13.04 -15.96 0.93
C ILE A 816 13.65 -14.64 1.40
N VAL A 817 14.91 -14.41 1.05
CA VAL A 817 15.57 -13.15 1.43
C VAL A 817 14.76 -11.97 0.92
N LYS A 818 14.30 -12.04 -0.32
CA LYS A 818 13.49 -10.96 -0.88
C LYS A 818 12.29 -10.67 0.02
N ALA A 819 11.61 -11.72 0.47
CA ALA A 819 10.48 -11.53 1.37
C ALA A 819 10.87 -10.64 2.54
N VAL A 820 11.98 -10.97 3.20
CA VAL A 820 12.41 -10.21 4.36
C VAL A 820 12.51 -8.73 4.01
N MET A 821 13.12 -8.43 2.86
CA MET A 821 13.26 -7.05 2.44
C MET A 821 11.92 -6.35 2.44
N TRP A 822 10.94 -6.93 1.73
CA TRP A 822 9.63 -6.29 1.67
C TRP A 822 9.00 -6.22 3.05
N GLY A 823 9.19 -7.26 3.85
CA GLY A 823 8.61 -7.28 5.19
C GLY A 823 9.13 -6.14 6.04
N ARG A 824 10.32 -5.65 5.75
CA ARG A 824 10.79 -4.47 6.47
C ARG A 824 10.31 -3.19 5.78
N ASN A 825 10.31 -3.19 4.45
CA ASN A 825 10.04 -1.95 3.73
C ASN A 825 8.70 -1.36 4.11
N VAL A 826 7.66 -2.21 4.17
CA VAL A 826 6.33 -1.80 4.57
C VAL A 826 6.43 -0.93 5.80
N TYR A 827 7.06 -1.45 6.87
CA TYR A 827 7.15 -0.70 8.10
C TYR A 827 7.77 0.66 7.86
N ASP A 828 8.96 0.68 7.23
CA ASP A 828 9.64 1.94 6.99
C ASP A 828 8.72 2.90 6.25
N SER A 829 8.03 2.41 5.22
CA SER A 829 7.14 3.27 4.45
C SER A 829 6.16 3.96 5.37
N ILE A 830 5.45 3.19 6.19
CA ILE A 830 4.47 3.79 7.09
C ILE A 830 5.15 4.86 7.92
N SER A 831 6.30 4.50 8.49
CA SER A 831 7.06 5.43 9.32
C SER A 831 7.18 6.78 8.63
N LYS A 832 7.75 6.80 7.41
CA LYS A 832 8.04 8.09 6.81
C LYS A 832 6.76 8.87 6.57
N PHE A 833 5.70 8.18 6.10
CA PHE A 833 4.44 8.87 5.88
C PHE A 833 4.00 9.58 7.15
N LEU A 834 4.00 8.85 8.26
CA LEU A 834 3.58 9.42 9.52
C LEU A 834 4.31 10.72 9.78
N GLN A 835 5.63 10.70 9.63
CA GLN A 835 6.45 11.88 9.84
C GLN A 835 5.82 13.08 9.18
N PHE A 836 5.65 13.01 7.86
CA PHE A 836 5.17 14.16 7.11
C PHE A 836 3.87 14.67 7.72
N GLN A 837 2.90 13.76 7.89
CA GLN A 837 1.58 14.20 8.33
C GLN A 837 1.68 14.95 9.64
N LEU A 838 2.44 14.40 10.59
CA LEU A 838 2.49 15.01 11.92
C LEU A 838 2.95 16.46 11.82
N THR A 839 3.96 16.72 10.98
CA THR A 839 4.46 18.08 10.86
C THR A 839 3.33 19.02 10.50
N VAL A 840 2.60 18.69 9.43
CA VAL A 840 1.49 19.54 9.02
C VAL A 840 0.52 19.72 10.18
N ASN A 841 0.16 18.61 10.83
CA ASN A 841 -0.88 18.66 11.83
C ASN A 841 -0.49 19.56 12.99
N VAL A 842 0.81 19.69 13.26
CA VAL A 842 1.23 20.65 14.28
C VAL A 842 0.97 22.06 13.80
N VAL A 843 1.57 22.43 12.67
CA VAL A 843 1.64 23.85 12.28
C VAL A 843 0.24 24.40 12.11
N ALA A 844 -0.60 23.69 11.36
CA ALA A 844 -1.97 24.13 11.16
C ALA A 844 -2.62 24.50 12.48
N VAL A 845 -2.57 23.60 13.46
CA VAL A 845 -3.25 23.86 14.72
C VAL A 845 -2.74 25.16 15.33
N ILE A 846 -1.41 25.30 15.41
CA ILE A 846 -0.86 26.50 16.02
C ILE A 846 -1.30 27.73 15.23
N VAL A 847 -1.22 27.65 13.90
CA VAL A 847 -1.51 28.82 13.08
C VAL A 847 -2.97 29.21 13.15
N ALA A 848 -3.82 28.35 13.71
CA ALA A 848 -5.22 28.71 13.88
C ALA A 848 -5.57 29.01 15.33
N PHE A 849 -4.72 28.64 16.28
CA PHE A 849 -5.02 28.94 17.67
C PHE A 849 -4.60 30.36 18.03
N THR A 850 -3.30 30.65 17.96
CA THR A 850 -2.83 31.99 18.27
C THR A 850 -3.36 33.01 17.28
N GLY A 851 -3.58 32.60 16.03
CA GLY A 851 -4.24 33.48 15.09
C GLY A 851 -5.61 33.92 15.55
N ALA A 852 -6.32 33.03 16.23
CA ALA A 852 -7.62 33.37 16.81
C ALA A 852 -7.50 34.00 18.18
N CYS A 853 -6.29 34.15 18.71
CA CYS A 853 -6.09 34.81 20.01
C CYS A 853 -5.61 36.24 19.86
N ILE A 854 -4.64 36.48 18.98
CA ILE A 854 -4.16 37.84 18.75
C ILE A 854 -5.20 38.64 17.99
N THR A 855 -5.80 38.05 16.96
CA THR A 855 -6.84 38.71 16.17
C THR A 855 -8.14 37.93 16.29
N GLN A 856 -9.13 38.33 15.50
CA GLN A 856 -10.44 37.70 15.51
C GLN A 856 -10.66 36.75 14.34
N ASP A 857 -9.59 36.35 13.65
CA ASP A 857 -9.73 35.49 12.48
C ASP A 857 -8.48 34.65 12.31
N SER A 858 -8.61 33.59 11.50
CA SER A 858 -7.51 32.71 11.15
C SER A 858 -6.99 33.02 9.76
N PRO A 859 -5.68 32.94 9.56
CA PRO A 859 -5.13 33.23 8.22
C PRO A 859 -5.61 32.31 7.13
N LEU A 860 -6.06 31.09 7.47
CA LEU A 860 -6.56 30.14 6.48
C LEU A 860 -8.05 29.93 6.69
N LYS A 861 -8.82 30.03 5.60
CA LYS A 861 -10.27 29.92 5.66
C LYS A 861 -10.68 28.45 5.58
N ALA A 862 -11.97 28.21 5.39
CA ALA A 862 -12.49 26.84 5.42
C ALA A 862 -12.04 26.04 4.19
N VAL A 863 -12.20 26.62 3.00
CA VAL A 863 -11.90 25.87 1.78
C VAL A 863 -10.39 25.64 1.64
N GLN A 864 -9.60 26.67 1.96
CA GLN A 864 -8.15 26.51 1.90
C GLN A 864 -7.69 25.43 2.85
N MET A 865 -8.25 25.39 4.06
CA MET A 865 -7.83 24.38 5.02
C MET A 865 -8.35 22.99 4.66
N LEU A 866 -9.50 22.90 3.99
CA LEU A 866 -9.93 21.60 3.48
C LEU A 866 -8.99 21.09 2.39
N TRP A 867 -8.53 21.97 1.51
CA TRP A 867 -7.55 21.58 0.51
C TRP A 867 -6.24 21.16 1.17
N VAL A 868 -5.83 21.86 2.22
CA VAL A 868 -4.63 21.47 2.96
C VAL A 868 -4.82 20.09 3.59
N ASN A 869 -6.00 19.82 4.15
CA ASN A 869 -6.27 18.50 4.70
C ASN A 869 -6.17 17.42 3.64
N LEU A 870 -6.75 17.67 2.47
CA LEU A 870 -6.71 16.68 1.40
C LEU A 870 -5.28 16.38 0.99
N ILE A 871 -4.48 17.43 0.76
CA ILE A 871 -3.10 17.22 0.33
C ILE A 871 -2.28 16.56 1.43
N MET A 872 -2.57 16.87 2.70
CA MET A 872 -1.78 16.30 3.78
C MET A 872 -2.13 14.85 4.06
N ASP A 873 -3.36 14.42 3.77
CA ASP A 873 -3.75 13.05 4.07
C ASP A 873 -3.74 12.14 2.85
N THR A 874 -4.58 12.42 1.85
CA THR A 874 -4.81 11.40 0.82
C THR A 874 -3.68 11.34 -0.18
N PHE A 875 -3.31 12.48 -0.76
CA PHE A 875 -2.19 12.50 -1.70
C PHE A 875 -0.88 12.15 -1.01
N ALA A 876 -0.72 12.54 0.25
CA ALA A 876 0.48 12.15 0.99
C ALA A 876 0.54 10.65 1.17
N SER A 877 -0.58 10.01 1.49
CA SER A 877 -0.60 8.56 1.63
C SER A 877 -0.29 7.88 0.30
N LEU A 878 -0.85 8.39 -0.79
CA LEU A 878 -0.60 7.76 -2.08
C LEU A 878 0.82 8.01 -2.58
N ALA A 879 1.48 9.07 -2.12
CA ALA A 879 2.80 9.40 -2.64
C ALA A 879 3.94 8.83 -1.79
N LEU A 880 3.87 8.98 -0.47
CA LEU A 880 4.96 8.55 0.39
C LEU A 880 4.88 7.08 0.79
N ALA A 881 3.68 6.53 0.90
CA ALA A 881 3.53 5.17 1.41
C ALA A 881 3.72 4.10 0.36
N THR A 882 4.00 4.47 -0.90
CA THR A 882 4.25 3.50 -1.96
C THR A 882 5.62 3.81 -2.57
N GLU A 883 6.66 3.25 -1.96
CA GLU A 883 8.03 3.47 -2.39
C GLU A 883 8.71 2.14 -2.65
N PRO A 884 9.68 2.10 -3.56
CA PRO A 884 10.38 0.84 -3.84
C PRO A 884 11.43 0.58 -2.77
N PRO A 885 11.60 -0.66 -2.36
CA PRO A 885 12.62 -0.98 -1.35
C PRO A 885 14.02 -0.94 -1.94
N THR A 886 14.98 -0.65 -1.08
CA THR A 886 16.39 -0.66 -1.42
C THR A 886 17.10 -1.76 -0.64
N GLU A 887 18.19 -2.27 -1.20
CA GLU A 887 18.87 -3.42 -0.62
C GLU A 887 19.54 -3.08 0.71
N THR A 888 19.62 -1.80 1.09
CA THR A 888 20.19 -1.42 2.37
C THR A 888 19.28 -1.75 3.55
N LEU A 889 18.05 -2.18 3.30
CA LEU A 889 17.13 -2.51 4.38
C LEU A 889 17.55 -3.75 5.16
N LEU A 890 18.52 -4.52 4.68
CA LEU A 890 18.96 -5.72 5.36
C LEU A 890 20.20 -5.51 6.21
N LEU A 891 20.57 -4.26 6.48
CA LEU A 891 21.76 -3.96 7.26
C LEU A 891 21.44 -3.62 8.71
N ARG A 892 20.20 -3.80 9.15
CA ARG A 892 19.82 -3.49 10.52
C ARG A 892 19.14 -4.69 11.15
N LYS A 893 19.30 -4.81 12.47
CA LYS A 893 18.74 -5.93 13.20
C LYS A 893 17.21 -5.87 13.19
N PRO A 894 16.55 -7.02 13.33
CA PRO A 894 15.08 -7.02 13.34
C PRO A 894 14.52 -6.20 14.49
N TYR A 895 13.40 -5.54 14.23
CA TYR A 895 12.78 -4.68 15.24
C TYR A 895 12.05 -5.52 16.28
N GLY A 896 12.08 -5.03 17.53
CA GLY A 896 11.40 -5.70 18.61
C GLY A 896 9.91 -5.41 18.61
N ARG A 897 9.20 -6.09 19.51
CA ARG A 897 7.76 -5.90 19.62
C ARG A 897 7.42 -4.58 20.32
N ASN A 898 8.15 -4.25 21.37
CA ASN A 898 7.87 -3.04 22.15
C ASN A 898 8.68 -1.85 21.66
N LYS A 899 8.62 -1.57 20.37
CA LYS A 899 9.34 -0.43 19.83
C LYS A 899 8.40 0.76 19.69
N PRO A 900 8.75 1.94 20.19
CA PRO A 900 7.88 3.10 20.02
C PRO A 900 7.70 3.42 18.55
N LEU A 901 6.48 3.84 18.20
CA LEU A 901 6.16 4.06 16.80
C LEU A 901 6.91 5.25 16.21
N ILE A 902 7.20 6.26 17.04
CA ILE A 902 7.88 7.47 16.59
C ILE A 902 9.29 7.44 17.15
N SER A 903 10.28 7.32 16.27
CA SER A 903 11.67 7.25 16.70
C SER A 903 12.21 8.65 16.99
N ARG A 904 13.43 8.69 17.51
CA ARG A 904 14.03 9.97 17.88
C ARG A 904 14.29 10.84 16.67
N THR A 905 14.79 10.25 15.58
CA THR A 905 15.10 11.05 14.40
C THR A 905 13.84 11.67 13.79
N MET A 906 12.74 10.90 13.77
CA MET A 906 11.49 11.46 13.26
C MET A 906 11.03 12.63 14.10
N MET A 907 11.14 12.50 15.43
CA MET A 907 10.74 13.60 16.31
C MET A 907 11.59 14.83 16.07
N LYS A 908 12.90 14.63 15.88
CA LYS A 908 13.78 15.75 15.58
C LYS A 908 13.36 16.44 14.29
N ASN A 909 13.10 15.65 13.24
CA ASN A 909 12.69 16.26 11.96
C ASN A 909 11.39 17.04 12.12
N ILE A 910 10.41 16.44 12.81
CA ILE A 910 9.11 17.09 12.95
C ILE A 910 9.26 18.41 13.70
N LEU A 911 9.97 18.39 14.83
CA LEU A 911 10.10 19.61 15.62
C LEU A 911 10.87 20.68 14.86
N GLY A 912 11.96 20.32 14.19
CA GLY A 912 12.73 21.33 13.48
C GLY A 912 11.94 21.98 12.35
N HIS A 913 11.28 21.16 11.54
CA HIS A 913 10.54 21.75 10.43
C HIS A 913 9.34 22.54 10.93
N ALA A 914 8.68 22.08 12.00
CA ALA A 914 7.58 22.85 12.56
C ALA A 914 8.05 24.20 13.07
N VAL A 915 9.22 24.24 13.73
CA VAL A 915 9.73 25.50 14.23
C VAL A 915 10.00 26.46 13.09
N TYR A 916 10.66 25.97 12.03
CA TYR A 916 10.96 26.84 10.89
C TYR A 916 9.67 27.39 10.28
N GLN A 917 8.70 26.51 10.04
CA GLN A 917 7.45 26.95 9.42
C GLN A 917 6.72 27.96 10.30
N LEU A 918 6.68 27.71 11.61
CA LEU A 918 5.96 28.62 12.51
C LEU A 918 6.60 29.99 12.51
N THR A 919 7.93 30.06 12.63
CA THR A 919 8.56 31.37 12.69
C THR A 919 8.36 32.13 11.38
N LEU A 920 8.47 31.44 10.24
CA LEU A 920 8.29 32.15 8.98
C LEU A 920 6.86 32.62 8.78
N ILE A 921 5.87 31.78 9.12
CA ILE A 921 4.49 32.19 8.94
C ILE A 921 4.13 33.35 9.87
N PHE A 922 4.60 33.32 11.11
CA PHE A 922 4.33 34.44 12.01
C PHE A 922 4.98 35.72 11.51
N THR A 923 6.22 35.63 11.02
CA THR A 923 6.87 36.82 10.49
C THR A 923 6.08 37.38 9.32
N LEU A 924 5.60 36.51 8.42
CA LEU A 924 4.80 37.00 7.30
C LEU A 924 3.47 37.59 7.77
N LEU A 925 2.88 37.04 8.84
CA LEU A 925 1.57 37.51 9.27
C LEU A 925 1.65 38.86 9.95
N PHE A 926 2.65 39.08 10.80
CA PHE A 926 2.67 40.31 11.58
C PHE A 926 3.43 41.44 10.91
N VAL A 927 4.51 41.12 10.18
CA VAL A 927 5.37 42.14 9.60
C VAL A 927 5.25 42.21 8.09
N GLY A 928 4.64 41.22 7.45
CA GLY A 928 4.63 41.11 6.00
C GLY A 928 3.95 42.25 5.27
N GLU A 929 3.21 43.11 5.97
CA GLU A 929 2.67 44.30 5.33
C GLU A 929 3.78 45.23 4.85
N LYS A 930 4.85 45.35 5.64
CA LYS A 930 5.92 46.27 5.29
C LYS A 930 6.78 45.72 4.15
N MET A 931 7.08 44.42 4.19
CA MET A 931 8.04 43.85 3.24
C MET A 931 7.52 43.93 1.81
N PHE A 932 6.24 43.68 1.59
CA PHE A 932 5.68 43.65 0.25
C PHE A 932 4.99 44.95 -0.15
N GLN A 933 4.72 45.84 0.80
CA GLN A 933 3.98 47.08 0.55
C GLN A 933 2.66 46.80 -0.17
N ILE A 934 1.85 45.94 0.45
CA ILE A 934 0.60 45.49 -0.14
C ILE A 934 -0.56 45.65 0.84
N ASP A 935 -0.48 46.67 1.70
CA ASP A 935 -1.49 46.94 2.72
C ASP A 935 -1.56 45.79 3.72
N SER A 936 -2.61 45.76 4.53
CA SER A 936 -2.76 44.74 5.56
C SER A 936 -4.19 44.21 5.54
N GLY A 937 -4.33 42.89 5.53
CA GLY A 937 -5.61 42.25 5.69
C GLY A 937 -5.99 41.97 7.11
N ARG A 938 -5.16 42.39 8.06
CA ARG A 938 -5.42 42.13 9.47
C ARG A 938 -6.63 42.92 9.95
N ASN A 939 -7.38 42.31 10.87
CA ASN A 939 -8.60 42.92 11.42
C ASN A 939 -9.59 43.29 10.32
N ALA A 940 -9.71 42.43 9.32
CA ALA A 940 -10.61 42.70 8.22
C ALA A 940 -12.06 42.62 8.70
N PRO A 941 -12.94 43.50 8.22
CA PRO A 941 -14.35 43.41 8.59
C PRO A 941 -15.02 42.22 7.92
N LEU A 942 -16.26 41.97 8.34
CA LEU A 942 -17.00 40.82 7.82
C LEU A 942 -17.32 41.05 6.35
N HIS A 943 -17.25 39.96 5.57
CA HIS A 943 -17.46 40.00 4.11
C HIS A 943 -16.46 40.93 3.43
N SER A 944 -15.24 40.99 3.95
CA SER A 944 -14.20 41.77 3.31
C SER A 944 -13.71 41.06 2.04
N PRO A 945 -13.35 41.83 1.02
CA PRO A 945 -12.79 41.20 -0.19
C PRO A 945 -11.45 40.53 0.14
N PRO A 946 -11.09 39.48 -0.58
CA PRO A 946 -9.81 38.81 -0.32
C PRO A 946 -8.66 39.78 -0.53
N SER A 947 -7.67 39.68 0.34
CA SER A 947 -6.51 40.58 0.31
C SER A 947 -5.26 39.79 0.02
N GLU A 948 -4.29 40.44 -0.62
CA GLU A 948 -3.05 39.77 -0.98
C GLU A 948 -2.27 39.34 0.25
N HIS A 949 -2.46 40.01 1.39
CA HIS A 949 -1.66 39.69 2.56
C HIS A 949 -1.95 38.29 3.09
N TYR A 950 -3.19 37.82 2.99
CA TYR A 950 -3.50 36.46 3.40
C TYR A 950 -3.30 35.45 2.28
N THR A 951 -3.44 35.87 1.03
CA THR A 951 -3.14 34.97 -0.08
C THR A 951 -1.67 34.60 -0.09
N ILE A 952 -0.78 35.55 0.23
CA ILE A 952 0.64 35.22 0.33
C ILE A 952 0.87 34.17 1.41
N ILE A 953 0.20 34.31 2.56
CA ILE A 953 0.38 33.36 3.66
C ILE A 953 -0.08 31.97 3.24
N PHE A 954 -1.28 31.89 2.64
CA PHE A 954 -1.79 30.58 2.23
C PHE A 954 -0.87 29.95 1.18
N ASN A 955 -0.45 30.72 0.19
CA ASN A 955 0.38 30.18 -0.87
C ASN A 955 1.73 29.72 -0.33
N THR A 956 2.35 30.51 0.56
CA THR A 956 3.63 30.09 1.09
C THR A 956 3.50 28.88 2.00
N PHE A 957 2.38 28.75 2.71
CA PHE A 957 2.16 27.56 3.53
C PHE A 957 2.06 26.31 2.65
N VAL A 958 1.26 26.38 1.59
CA VAL A 958 1.14 25.21 0.71
C VAL A 958 2.48 24.90 0.04
N MET A 959 3.22 25.93 -0.36
CA MET A 959 4.51 25.71 -0.99
C MET A 959 5.50 25.08 -0.02
N MET A 960 5.50 25.51 1.25
CA MET A 960 6.38 24.89 2.23
C MET A 960 6.02 23.42 2.41
N GLN A 961 4.72 23.10 2.47
CA GLN A 961 4.35 21.69 2.60
C GLN A 961 4.80 20.88 1.40
N LEU A 962 4.62 21.41 0.19
CA LEU A 962 5.01 20.68 -1.01
C LEU A 962 6.50 20.43 -1.05
N PHE A 963 7.30 21.44 -0.69
CA PHE A 963 8.75 21.25 -0.74
C PHE A 963 9.31 20.55 0.48
N ASN A 964 8.53 20.41 1.55
CA ASN A 964 8.92 19.57 2.69
C ASN A 964 8.54 18.12 2.51
N GLU A 965 7.55 17.84 1.65
CA GLU A 965 7.21 16.45 1.34
C GLU A 965 8.41 15.70 0.77
N ILE A 966 9.20 16.36 -0.08
CA ILE A 966 10.42 15.75 -0.61
C ILE A 966 11.40 15.46 0.52
N ASN A 967 11.56 16.41 1.44
CA ASN A 967 12.50 16.28 2.54
C ASN A 967 12.11 15.19 3.52
N ALA A 968 10.89 14.67 3.45
CA ALA A 968 10.42 13.66 4.39
C ALA A 968 10.58 12.24 3.87
N ARG A 969 11.22 12.05 2.72
CA ARG A 969 11.39 10.71 2.17
C ARG A 969 12.50 9.93 2.85
N LYS A 970 13.38 10.59 3.61
CA LYS A 970 14.48 9.94 4.28
C LYS A 970 14.24 9.95 5.79
N ILE A 971 14.38 8.79 6.43
CA ILE A 971 14.14 8.65 7.85
C ILE A 971 15.44 8.60 8.65
N HIS A 972 16.47 7.95 8.10
CA HIS A 972 17.70 7.69 8.85
C HIS A 972 18.74 8.79 8.70
N GLY A 973 18.31 10.03 8.45
CA GLY A 973 19.24 11.13 8.41
C GLY A 973 20.12 11.20 7.18
N GLU A 974 19.71 10.56 6.09
CA GLU A 974 20.48 10.62 4.86
C GLU A 974 20.42 12.02 4.28
N ARG A 975 21.58 12.56 3.91
CA ARG A 975 21.63 13.92 3.39
C ARG A 975 21.14 14.02 1.96
N ASN A 976 21.37 12.99 1.14
CA ASN A 976 20.97 13.01 -0.26
C ASN A 976 19.48 12.78 -0.35
N VAL A 977 18.72 13.87 -0.25
CA VAL A 977 17.26 13.77 -0.27
C VAL A 977 16.77 13.32 -1.63
N PHE A 978 17.51 13.64 -2.69
CA PHE A 978 17.09 13.31 -4.06
C PHE A 978 17.60 11.94 -4.50
N ASP A 979 17.98 11.07 -3.58
CA ASP A 979 18.50 9.76 -3.93
C ASP A 979 17.35 8.83 -4.31
N GLY A 980 17.40 8.28 -5.52
CA GLY A 980 16.39 7.34 -5.97
C GLY A 980 15.00 7.92 -6.05
N ILE A 981 14.87 9.19 -6.39
CA ILE A 981 13.55 9.81 -6.47
C ILE A 981 12.80 9.32 -7.71
N PHE A 982 13.50 9.06 -8.80
CA PHE A 982 12.85 8.77 -10.07
C PHE A 982 12.30 7.35 -10.17
N ARG A 983 12.63 6.47 -9.22
CA ARG A 983 12.16 5.10 -9.31
C ARG A 983 10.66 4.98 -9.03
N ASN A 984 10.05 6.01 -8.46
CA ASN A 984 8.63 5.97 -8.11
C ASN A 984 7.89 7.06 -8.88
N PRO A 985 7.28 6.74 -10.02
CA PRO A 985 6.59 7.78 -10.79
C PRO A 985 5.40 8.40 -10.07
N ILE A 986 4.77 7.66 -9.15
CA ILE A 986 3.57 8.17 -8.48
C ILE A 986 3.90 9.41 -7.67
N PHE A 987 5.03 9.39 -6.96
CA PHE A 987 5.41 10.53 -6.14
C PHE A 987 5.61 11.79 -6.99
N CYS A 988 6.38 11.67 -8.06
CA CYS A 988 6.62 12.82 -8.93
C CYS A 988 5.33 13.32 -9.55
N THR A 989 4.48 12.41 -10.01
CA THR A 989 3.21 12.80 -10.60
C THR A 989 2.35 13.56 -9.60
N ILE A 990 2.27 13.07 -8.37
CA ILE A 990 1.44 13.71 -7.37
C ILE A 990 1.97 15.09 -7.02
N VAL A 991 3.29 15.21 -6.81
CA VAL A 991 3.85 16.51 -6.45
C VAL A 991 3.62 17.53 -7.56
N LEU A 992 3.92 17.14 -8.81
CA LEU A 992 3.76 18.10 -9.90
C LEU A 992 2.29 18.46 -10.13
N GLY A 993 1.39 17.47 -10.03
CA GLY A 993 -0.03 17.78 -10.17
C GLY A 993 -0.53 18.70 -9.09
N THR A 994 -0.09 18.49 -7.86
CA THR A 994 -0.49 19.38 -6.78
C THR A 994 0.04 20.78 -7.01
N PHE A 995 1.28 20.91 -7.49
CA PHE A 995 1.83 22.23 -7.77
C PHE A 995 1.04 22.95 -8.85
N ALA A 996 0.69 22.24 -9.93
CA ALA A 996 -0.09 22.87 -11.00
C ALA A 996 -1.47 23.29 -10.52
N ILE A 997 -2.13 22.43 -9.76
CA ILE A 997 -3.45 22.78 -9.23
C ILE A 997 -3.34 23.96 -8.28
N GLN A 998 -2.26 24.05 -7.51
CA GLN A 998 -2.06 25.18 -6.62
C GLN A 998 -1.92 26.48 -7.40
N ILE A 999 -1.14 26.45 -8.49
CA ILE A 999 -1.01 27.65 -9.32
C ILE A 999 -2.37 28.07 -9.86
N VAL A 1000 -3.15 27.10 -10.36
CA VAL A 1000 -4.46 27.42 -10.90
C VAL A 1000 -5.35 28.02 -9.81
N ILE A 1001 -5.28 27.46 -8.59
CA ILE A 1001 -6.17 27.91 -7.53
C ILE A 1001 -5.80 29.33 -7.07
N VAL A 1002 -4.52 29.63 -6.98
CA VAL A 1002 -4.14 30.99 -6.55
C VAL A 1002 -4.46 31.99 -7.64
N GLN A 1003 -4.14 31.69 -8.89
CA GLN A 1003 -4.30 32.68 -9.96
C GLN A 1003 -5.77 32.95 -10.26
N PHE A 1004 -6.58 31.91 -10.35
CA PHE A 1004 -7.99 32.03 -10.73
C PHE A 1004 -8.86 31.59 -9.57
N GLY A 1005 -10.17 31.73 -9.73
CA GLY A 1005 -11.10 31.32 -8.70
C GLY A 1005 -10.90 32.06 -7.40
N GLY A 1006 -10.80 33.39 -7.47
CA GLY A 1006 -10.46 34.19 -6.32
C GLY A 1006 -11.44 34.14 -5.16
N LYS A 1007 -12.64 34.68 -5.34
CA LYS A 1007 -13.56 34.86 -4.22
C LYS A 1007 -13.97 33.56 -3.54
N PRO A 1008 -14.37 32.50 -4.24
CA PRO A 1008 -14.77 31.28 -3.51
C PRO A 1008 -13.65 30.67 -2.68
N PHE A 1009 -12.40 30.78 -3.11
CA PHE A 1009 -11.28 30.24 -2.37
C PHE A 1009 -10.61 31.27 -1.46
N SER A 1010 -11.16 32.48 -1.37
CA SER A 1010 -10.61 33.54 -0.55
C SER A 1010 -9.15 33.82 -0.91
N CYS A 1011 -8.86 33.86 -2.20
CA CYS A 1011 -7.54 34.17 -2.71
C CYS A 1011 -7.62 35.35 -3.67
N SER A 1012 -6.50 36.00 -3.88
CA SER A 1012 -6.42 37.12 -4.80
C SER A 1012 -5.28 36.89 -5.78
N PRO A 1013 -5.42 37.32 -7.03
CA PRO A 1013 -4.36 37.12 -8.01
C PRO A 1013 -3.07 37.80 -7.58
N LEU A 1014 -1.95 37.14 -7.89
CA LEU A 1014 -0.62 37.59 -7.49
C LEU A 1014 0.24 37.82 -8.72
N GLN A 1015 1.25 38.65 -8.56
CA GLN A 1015 2.19 38.95 -9.64
C GLN A 1015 3.41 38.04 -9.55
N LEU A 1016 4.27 38.13 -10.58
CA LEU A 1016 5.45 37.28 -10.65
C LEU A 1016 6.38 37.50 -9.46
N ASP A 1017 6.45 38.73 -8.96
CA ASP A 1017 7.33 39.03 -7.84
C ASP A 1017 6.90 38.24 -6.59
N GLN A 1018 5.61 38.24 -6.29
CA GLN A 1018 5.13 37.54 -5.11
C GLN A 1018 5.33 36.03 -5.24
N TRP A 1019 5.04 35.48 -6.41
CA TRP A 1019 5.24 34.05 -6.61
C TRP A 1019 6.70 33.67 -6.50
N MET A 1020 7.59 34.53 -6.99
CA MET A 1020 9.01 34.24 -6.91
C MET A 1020 9.47 34.20 -5.45
N TRP A 1021 8.98 35.14 -4.63
CA TRP A 1021 9.34 35.07 -3.21
C TRP A 1021 8.74 33.85 -2.52
N CYS A 1022 7.52 33.46 -2.90
CA CYS A 1022 6.94 32.26 -2.30
C CYS A 1022 7.79 31.02 -2.60
N ILE A 1023 8.22 30.87 -3.86
CA ILE A 1023 9.08 29.75 -4.21
C ILE A 1023 10.44 29.86 -3.52
N PHE A 1024 10.94 31.09 -3.34
CA PHE A 1024 12.19 31.29 -2.61
C PHE A 1024 12.08 30.76 -1.18
N ILE A 1025 10.96 31.05 -0.52
CA ILE A 1025 10.72 30.53 0.83
C ILE A 1025 10.62 29.00 0.79
N GLY A 1026 9.92 28.47 -0.22
CA GLY A 1026 9.80 27.03 -0.33
C GLY A 1026 11.13 26.32 -0.43
N LEU A 1027 12.06 26.87 -1.23
CA LEU A 1027 13.39 26.27 -1.32
C LEU A 1027 14.21 26.51 -0.05
N GLY A 1028 14.01 27.65 0.60
CA GLY A 1028 14.64 27.83 1.90
C GLY A 1028 14.23 26.76 2.89
N GLU A 1029 13.02 26.23 2.73
CA GLU A 1029 12.61 25.09 3.55
C GLU A 1029 13.54 23.90 3.35
N LEU A 1030 13.86 23.59 2.10
CA LEU A 1030 14.79 22.49 1.82
C LEU A 1030 16.18 22.79 2.38
N VAL A 1031 16.62 24.04 2.28
CA VAL A 1031 17.93 24.39 2.82
C VAL A 1031 17.97 24.16 4.33
N TRP A 1032 16.91 24.59 5.03
CA TRP A 1032 16.86 24.35 6.47
C TRP A 1032 16.79 22.86 6.79
N GLY A 1033 16.07 22.10 5.96
CA GLY A 1033 16.02 20.66 6.16
C GLY A 1033 17.36 19.99 5.96
N GLN A 1034 18.18 20.54 5.06
CA GLN A 1034 19.55 20.04 4.93
C GLN A 1034 20.40 20.44 6.13
N VAL A 1035 20.17 21.64 6.66
CA VAL A 1035 20.96 22.12 7.79
C VAL A 1035 20.69 21.29 9.03
N ILE A 1036 19.41 20.98 9.30
CA ILE A 1036 19.04 20.35 10.55
C ILE A 1036 19.69 18.97 10.73
N ALA A 1037 20.05 18.32 9.63
CA ALA A 1037 20.58 16.96 9.70
C ALA A 1037 21.93 16.89 10.41
N THR A 1038 22.59 18.02 10.65
CA THR A 1038 23.88 18.03 11.30
C THR A 1038 23.79 17.98 12.83
N ILE A 1039 22.60 18.10 13.39
CA ILE A 1039 22.42 18.08 14.85
C ILE A 1039 22.53 16.64 15.34
N PRO A 1040 23.41 16.34 16.29
CA PRO A 1040 23.49 14.99 16.84
C PRO A 1040 22.31 14.71 17.77
N THR A 1041 21.53 13.69 17.43
CA THR A 1041 20.35 13.34 18.21
C THR A 1041 20.69 12.59 19.50
N SER A 1042 21.85 11.96 19.58
CA SER A 1042 22.21 11.21 20.78
C SER A 1042 22.44 12.15 21.97
N ARG A 1043 23.05 13.30 21.74
CA ARG A 1043 23.36 14.24 22.80
C ARG A 1043 22.10 14.96 23.27
N LYS B 147 -48.75 85.72 -10.12
CA LYS B 147 -47.74 84.84 -9.55
C LYS B 147 -48.14 84.36 -8.16
N PRO B 148 -48.30 83.04 -8.00
CA PRO B 148 -48.67 82.50 -6.70
C PRO B 148 -47.61 82.81 -5.65
N ARG B 149 -48.06 83.03 -4.42
CA ARG B 149 -47.18 83.36 -3.31
C ARG B 149 -47.01 82.14 -2.42
N ILE B 150 -45.76 81.74 -2.20
CA ILE B 150 -45.43 80.60 -1.36
C ILE B 150 -44.58 81.08 -0.20
N VAL B 151 -44.99 80.77 1.02
CA VAL B 151 -44.24 81.07 2.23
C VAL B 151 -43.56 79.79 2.69
N THR B 152 -42.25 79.81 2.80
CA THR B 152 -41.46 78.64 3.11
C THR B 152 -40.82 78.77 4.48
N SER B 153 -40.56 77.63 5.12
CA SER B 153 -39.94 77.62 6.42
C SER B 153 -38.48 78.08 6.32
N GLU B 154 -37.93 78.50 7.45
CA GLU B 154 -36.57 79.00 7.47
C GLU B 154 -35.56 77.88 7.21
N GLU B 155 -34.41 78.28 6.71
CA GLU B 155 -33.34 77.35 6.40
C GLU B 155 -32.82 76.68 7.66
N VAL B 156 -32.45 75.41 7.54
CA VAL B 156 -32.04 74.58 8.66
C VAL B 156 -30.63 74.07 8.42
N ILE B 157 -29.83 73.99 9.49
CA ILE B 157 -28.50 73.41 9.45
C ILE B 157 -28.54 72.09 10.19
N ILE B 158 -28.11 71.02 9.52
CA ILE B 158 -28.12 69.69 10.14
C ILE B 158 -26.89 69.53 11.01
N ARG B 159 -27.10 69.45 12.32
CA ARG B 159 -26.07 69.12 13.28
C ARG B 159 -26.18 67.65 13.66
N GLU B 160 -25.30 67.17 14.54
CA GLU B 160 -25.38 65.79 15.00
C GLU B 160 -26.55 65.54 15.93
N SER B 161 -27.31 66.56 16.28
CA SER B 161 -28.46 66.39 17.16
C SER B 161 -29.46 65.41 16.53
N LEU B 162 -30.14 64.66 17.39
CA LEU B 162 -31.04 63.59 16.97
C LEU B 162 -32.45 64.08 16.69
N LEU B 163 -32.67 65.40 16.76
CA LEU B 163 -34.01 65.96 16.63
C LEU B 163 -34.42 65.98 15.17
N PRO B 164 -35.54 65.38 14.81
CA PRO B 164 -35.97 65.37 13.42
C PRO B 164 -36.34 66.78 12.95
N VAL B 165 -36.33 66.98 11.63
CA VAL B 165 -36.52 68.30 11.05
C VAL B 165 -37.79 68.31 10.21
N THR B 166 -38.53 69.41 10.27
CA THR B 166 -39.72 69.60 9.46
C THR B 166 -39.53 70.80 8.54
N LEU B 167 -39.77 70.60 7.25
CA LEU B 167 -39.75 71.67 6.25
C LEU B 167 -41.18 71.98 5.82
N GLN B 168 -41.53 73.25 5.83
CA GLN B 168 -42.90 73.68 5.62
C GLN B 168 -43.01 74.61 4.42
N CYS B 169 -44.07 74.45 3.62
CA CYS B 169 -44.36 75.51 2.66
C CYS B 169 -45.87 75.63 2.45
N ASN B 170 -46.31 76.88 2.35
CA ASN B 170 -47.72 77.26 2.33
C ASN B 170 -48.01 78.05 1.06
N LEU B 171 -49.08 77.68 0.36
CA LEU B 171 -49.52 78.43 -0.82
C LEU B 171 -50.50 79.50 -0.34
N THR B 172 -49.98 80.67 0.01
CA THR B 172 -50.81 81.68 0.65
C THR B 172 -51.75 82.35 -0.35
N SER B 173 -51.28 82.58 -1.58
CA SER B 173 -52.05 83.29 -2.59
C SER B 173 -52.01 82.50 -3.89
N SER B 174 -53.18 82.11 -4.38
CA SER B 174 -53.28 81.42 -5.66
C SER B 174 -54.73 81.50 -6.13
N SER B 175 -54.93 81.99 -7.36
CA SER B 175 -56.24 82.11 -7.95
C SER B 175 -56.55 80.99 -8.93
N HIS B 176 -55.65 80.04 -9.10
CA HIS B 176 -55.80 78.96 -10.06
C HIS B 176 -56.29 77.70 -9.36
N THR B 177 -56.96 76.85 -10.14
CA THR B 177 -57.40 75.55 -9.64
C THR B 177 -56.20 74.64 -9.49
N LEU B 178 -55.81 74.35 -8.26
CA LEU B 178 -54.63 73.54 -8.02
C LEU B 178 -54.85 72.09 -8.45
N MET B 179 -53.83 71.51 -9.07
CA MET B 179 -53.85 70.10 -9.45
C MET B 179 -53.10 69.22 -8.47
N TYR B 180 -51.85 69.56 -8.14
CA TYR B 180 -51.07 68.75 -7.20
C TYR B 180 -49.82 69.52 -6.79
N SER B 181 -49.16 68.99 -5.75
CA SER B 181 -47.93 69.57 -5.22
C SER B 181 -47.02 68.45 -4.74
N TYR B 182 -45.71 68.70 -4.78
CA TYR B 182 -44.75 67.62 -4.55
C TYR B 182 -43.35 68.17 -4.37
N TRP B 183 -42.56 67.49 -3.54
CA TRP B 183 -41.20 67.91 -3.23
C TRP B 183 -40.17 67.31 -4.18
N THR B 184 -39.06 68.03 -4.31
CA THR B 184 -37.88 67.63 -5.07
C THR B 184 -36.63 67.90 -4.24
N ARG B 185 -35.66 67.01 -4.35
CA ARG B 185 -34.32 67.22 -3.81
C ARG B 185 -33.32 67.10 -4.94
N ASN B 186 -32.59 68.19 -5.20
CA ASN B 186 -31.59 68.23 -6.28
C ASN B 186 -32.23 67.88 -7.63
N GLY B 187 -33.48 68.31 -7.81
CA GLY B 187 -34.19 68.03 -9.04
C GLY B 187 -34.77 66.64 -9.15
N VAL B 188 -34.74 65.85 -8.08
CA VAL B 188 -35.23 64.47 -8.09
C VAL B 188 -36.49 64.38 -7.24
N GLU B 189 -37.52 63.76 -7.79
CA GLU B 189 -38.78 63.62 -7.08
C GLU B 189 -38.63 62.71 -5.87
N LEU B 190 -39.07 63.20 -4.71
CA LEU B 190 -39.17 62.35 -3.53
C LEU B 190 -40.41 61.48 -3.64
N THR B 191 -40.30 60.25 -3.14
CA THR B 191 -41.37 59.28 -3.30
C THR B 191 -42.50 59.51 -2.31
N ALA B 192 -43.72 59.17 -2.74
CA ALA B 192 -44.92 59.25 -1.90
C ALA B 192 -45.15 60.65 -1.37
N THR B 193 -45.10 61.64 -2.27
CA THR B 193 -45.23 63.04 -1.89
C THR B 193 -46.35 63.78 -2.59
N ARG B 194 -47.15 63.11 -3.42
CA ARG B 194 -48.19 63.77 -4.21
C ARG B 194 -49.53 63.68 -3.49
N LYS B 195 -50.09 64.83 -3.12
CA LYS B 195 -51.42 64.90 -2.51
C LYS B 195 -52.09 66.19 -2.98
N ASN B 196 -53.26 66.48 -2.42
CA ASN B 196 -53.90 67.78 -2.65
C ASN B 196 -52.98 68.87 -2.12
N ALA B 197 -52.77 68.86 -0.81
CA ALA B 197 -51.67 69.55 -0.14
C ALA B 197 -51.57 71.01 -0.56
N SER B 198 -52.63 71.76 -0.22
CA SER B 198 -52.58 73.21 -0.35
C SER B 198 -51.52 73.82 0.59
N ASN B 199 -51.11 73.07 1.60
CA ASN B 199 -49.94 73.40 2.41
C ASN B 199 -49.25 72.09 2.74
N MET B 200 -47.93 72.03 2.52
CA MET B 200 -47.22 70.75 2.55
C MET B 200 -46.09 70.77 3.57
N GLU B 201 -45.95 69.63 4.27
CA GLU B 201 -44.99 69.45 5.34
C GLU B 201 -44.14 68.23 5.01
N TYR B 202 -42.82 68.35 5.09
CA TYR B 202 -41.94 67.24 4.81
C TYR B 202 -41.15 66.95 6.09
N ARG B 203 -41.26 65.73 6.58
CA ARG B 203 -40.75 65.35 7.88
C ARG B 203 -39.59 64.38 7.69
N ILE B 204 -38.41 64.79 8.15
CA ILE B 204 -37.22 63.94 8.08
C ILE B 204 -36.89 63.52 9.50
N ASN B 205 -37.06 62.22 9.77
CA ASN B 205 -36.93 61.71 11.12
C ASN B 205 -35.48 61.61 11.55
N LYS B 206 -34.57 61.31 10.63
CA LYS B 206 -33.17 61.10 10.97
C LYS B 206 -32.28 62.00 10.12
N PRO B 207 -32.02 63.23 10.58
CA PRO B 207 -31.15 64.14 9.82
C PRO B 207 -29.71 63.63 9.79
N ARG B 208 -29.16 63.55 8.57
CA ARG B 208 -27.76 63.28 8.32
C ARG B 208 -27.28 64.21 7.20
N ALA B 209 -25.96 64.23 7.00
CA ALA B 209 -25.39 65.06 5.95
C ALA B 209 -25.88 64.62 4.57
N GLU B 210 -26.18 63.34 4.40
CA GLU B 210 -26.61 62.84 3.10
C GLU B 210 -28.07 63.19 2.78
N ASP B 211 -28.79 63.84 3.70
CA ASP B 211 -30.09 64.41 3.39
C ASP B 211 -30.05 65.89 3.02
N SER B 212 -29.01 66.62 3.43
CA SER B 212 -28.95 68.04 3.14
C SER B 212 -28.95 68.27 1.63
N GLY B 213 -29.77 69.19 1.18
CA GLY B 213 -29.94 69.39 -0.25
C GLY B 213 -30.78 70.63 -0.54
N GLU B 214 -30.95 70.89 -1.83
CA GLU B 214 -31.73 72.04 -2.30
C GLU B 214 -33.14 71.54 -2.55
N TYR B 215 -33.95 71.59 -1.49
CA TYR B 215 -35.31 71.11 -1.57
C TYR B 215 -36.17 72.16 -2.25
N HIS B 216 -37.15 71.69 -3.01
CA HIS B 216 -38.18 72.56 -3.54
C HIS B 216 -39.52 71.86 -3.34
N CYS B 217 -40.58 72.65 -3.24
CA CYS B 217 -41.93 72.09 -3.25
C CYS B 217 -42.65 72.71 -4.44
N VAL B 218 -42.74 71.92 -5.50
CA VAL B 218 -43.27 72.34 -6.79
C VAL B 218 -44.79 72.23 -6.78
N TYR B 219 -45.43 73.23 -7.38
CA TYR B 219 -46.86 73.38 -7.38
C TYR B 219 -47.34 73.34 -8.84
N HIS B 220 -48.07 72.29 -9.21
CA HIS B 220 -48.57 72.09 -10.56
C HIS B 220 -50.07 72.39 -10.55
N PHE B 221 -50.47 73.35 -11.37
CA PHE B 221 -51.85 73.82 -11.46
C PHE B 221 -52.49 73.34 -12.75
N VAL B 222 -53.82 73.42 -12.79
CA VAL B 222 -54.56 72.96 -13.96
C VAL B 222 -54.20 73.78 -15.19
N SER B 223 -54.15 75.11 -15.04
CA SER B 223 -53.92 76.01 -16.16
C SER B 223 -52.91 77.11 -15.82
N ALA B 224 -52.00 76.82 -14.89
CA ALA B 224 -50.99 77.80 -14.51
C ALA B 224 -49.61 77.16 -14.48
N PRO B 225 -48.56 77.94 -14.72
CA PRO B 225 -47.20 77.39 -14.60
C PRO B 225 -46.89 76.97 -13.18
N LYS B 226 -46.05 75.94 -13.06
CA LYS B 226 -45.67 75.42 -11.75
C LYS B 226 -44.86 76.45 -10.98
N ALA B 227 -45.04 76.47 -9.66
CA ALA B 227 -44.29 77.35 -8.77
C ALA B 227 -43.41 76.49 -7.88
N ASN B 228 -42.10 76.72 -7.91
CA ASN B 228 -41.15 75.80 -7.29
C ASN B 228 -40.69 76.25 -5.92
N ALA B 229 -40.11 77.45 -5.82
CA ALA B 229 -39.52 77.96 -4.58
C ALA B 229 -38.34 77.10 -4.16
N THR B 230 -37.64 77.48 -3.09
CA THR B 230 -36.44 76.75 -2.68
C THR B 230 -36.22 76.89 -1.17
N ILE B 231 -35.94 75.76 -0.54
CA ILE B 231 -35.47 75.69 0.84
C ILE B 231 -34.16 74.93 0.82
N GLU B 232 -33.09 75.57 1.31
CA GLU B 232 -31.77 74.97 1.28
C GLU B 232 -31.43 74.38 2.64
N VAL B 233 -31.03 73.12 2.66
CA VAL B 233 -30.56 72.44 3.86
C VAL B 233 -29.09 72.11 3.67
N LYS B 234 -28.25 72.58 4.59
CA LYS B 234 -26.81 72.42 4.45
C LYS B 234 -26.21 71.80 5.70
N ALA B 235 -25.13 71.06 5.48
CA ALA B 235 -24.36 70.45 6.57
C ALA B 235 -22.93 70.30 6.09
N ALA B 236 -22.04 69.97 7.03
CA ALA B 236 -20.64 69.79 6.69
C ALA B 236 -20.48 68.63 5.71
N PRO B 237 -19.58 68.74 4.74
CA PRO B 237 -19.42 67.66 3.76
C PRO B 237 -18.87 66.40 4.42
N ASP B 238 -19.23 65.25 3.85
CA ASP B 238 -18.84 63.95 4.39
C ASP B 238 -18.34 63.11 3.22
N ILE B 239 -17.09 62.68 3.30
CA ILE B 239 -16.52 61.80 2.27
C ILE B 239 -17.05 60.40 2.48
N THR B 240 -17.66 59.82 1.45
CA THR B 240 -18.29 58.52 1.57
C THR B 240 -17.52 57.39 0.93
N GLY B 241 -16.67 57.66 -0.05
CA GLY B 241 -15.92 56.61 -0.71
C GLY B 241 -14.63 57.06 -1.34
N HIS B 242 -13.57 56.29 -1.17
CA HIS B 242 -12.28 56.61 -1.75
C HIS B 242 -11.46 55.33 -1.87
N LYS B 243 -10.45 55.37 -2.73
CA LYS B 243 -9.53 54.25 -2.86
C LYS B 243 -8.52 54.31 -1.73
N ARG B 244 -8.40 53.21 -0.98
CA ARG B 244 -7.48 53.18 0.15
C ARG B 244 -6.04 52.98 -0.28
N SER B 245 -5.81 52.48 -1.49
CA SER B 245 -4.46 52.28 -1.98
C SER B 245 -4.47 52.28 -3.50
N GLU B 246 -3.31 52.57 -4.08
CA GLU B 246 -3.15 52.57 -5.53
C GLU B 246 -1.78 52.00 -5.87
N ASN B 247 -1.77 50.82 -6.48
CA ASN B 247 -0.54 50.12 -6.85
C ASN B 247 -0.48 50.00 -8.36
N LYS B 248 0.47 50.70 -8.98
CA LYS B 248 0.65 50.69 -10.42
C LYS B 248 2.12 50.57 -10.76
N ASN B 249 2.43 49.78 -11.78
CA ASN B 249 3.79 49.70 -12.29
C ASN B 249 4.13 50.97 -13.07
N GLU B 250 5.40 51.35 -13.04
CA GLU B 250 5.82 52.58 -13.70
C GLU B 250 5.59 52.48 -15.20
N GLY B 251 5.20 53.60 -15.79
CA GLY B 251 4.87 53.65 -17.20
C GLY B 251 3.40 53.48 -17.52
N GLN B 252 2.52 53.53 -16.52
CA GLN B 252 1.09 53.37 -16.72
C GLN B 252 0.35 54.58 -16.15
N ASP B 253 -0.96 54.47 -16.05
CA ASP B 253 -1.84 55.56 -15.68
C ASP B 253 -2.44 55.29 -14.30
N ALA B 254 -2.52 56.34 -13.47
CA ALA B 254 -3.07 56.20 -12.13
C ALA B 254 -4.20 57.20 -11.93
N MET B 255 -5.22 56.80 -11.17
CA MET B 255 -6.34 57.68 -10.86
C MET B 255 -6.74 57.48 -9.40
N MET B 256 -7.22 58.57 -8.80
CA MET B 256 -7.70 58.55 -7.42
C MET B 256 -8.89 59.49 -7.29
N TYR B 257 -9.93 59.06 -6.60
CA TYR B 257 -11.15 59.84 -6.47
C TYR B 257 -11.60 59.91 -5.02
N CYS B 258 -12.34 60.97 -4.69
CA CYS B 258 -12.90 61.20 -3.36
C CYS B 258 -14.35 61.60 -3.53
N LYS B 259 -15.26 60.62 -3.50
CA LYS B 259 -16.67 60.91 -3.60
C LYS B 259 -17.23 61.31 -2.25
N SER B 260 -18.06 62.36 -2.23
CA SER B 260 -18.56 62.90 -0.97
C SER B 260 -20.03 63.30 -1.14
N VAL B 261 -20.61 63.73 -0.02
CA VAL B 261 -21.99 64.23 0.01
C VAL B 261 -22.01 65.50 0.85
N GLY B 262 -23.00 66.35 0.58
CA GLY B 262 -23.12 67.60 1.30
C GLY B 262 -23.67 68.75 0.47
N TYR B 263 -23.74 69.93 1.07
CA TYR B 263 -24.28 71.14 0.45
C TYR B 263 -23.90 72.33 1.32
N PRO B 264 -23.33 73.41 0.77
CA PRO B 264 -22.97 73.63 -0.65
C PRO B 264 -21.96 72.65 -1.19
N HIS B 265 -22.03 72.39 -2.50
CA HIS B 265 -21.08 71.49 -3.14
C HIS B 265 -19.68 72.00 -2.84
N PRO B 266 -18.87 71.25 -2.12
CA PRO B 266 -17.60 71.79 -1.62
C PRO B 266 -16.61 71.98 -2.77
N GLU B 267 -15.58 72.76 -2.48
CA GLU B 267 -14.46 72.89 -3.38
C GLU B 267 -13.35 71.96 -2.93
N TRP B 268 -12.75 71.29 -3.91
CA TRP B 268 -11.79 70.23 -3.68
C TRP B 268 -10.38 70.75 -3.83
N ILE B 269 -9.51 70.36 -2.89
CA ILE B 269 -8.10 70.69 -2.96
C ILE B 269 -7.32 69.40 -2.69
N TRP B 270 -6.31 69.15 -3.53
CA TRP B 270 -5.44 68.00 -3.40
C TRP B 270 -4.08 68.44 -2.87
N ARG B 271 -3.51 67.66 -1.97
CA ARG B 271 -2.22 67.98 -1.38
C ARG B 271 -1.41 66.70 -1.24
N LYS B 272 -0.11 66.86 -1.00
CA LYS B 272 0.78 65.73 -0.76
C LYS B 272 1.36 65.84 0.65
N LYS B 273 1.45 64.70 1.33
CA LYS B 273 2.09 64.65 2.64
C LYS B 273 3.59 64.53 2.44
N GLU B 274 4.29 65.64 2.65
CA GLU B 274 5.74 65.69 2.54
C GLU B 274 6.32 66.22 3.86
N ASN B 275 7.35 65.53 4.35
CA ASN B 275 8.06 65.93 5.59
C ASN B 275 7.10 66.12 6.75
N GLY B 276 6.03 65.33 6.79
CA GLY B 276 5.07 65.39 7.87
C GLY B 276 4.04 66.49 7.78
N VAL B 277 4.08 67.31 6.74
CA VAL B 277 3.08 68.37 6.54
C VAL B 277 2.42 68.17 5.19
N PHE B 278 1.45 69.02 4.86
CA PHE B 278 0.72 68.92 3.60
C PHE B 278 1.07 70.10 2.71
N GLU B 279 1.51 69.80 1.48
CA GLU B 279 1.94 70.80 0.51
C GLU B 279 1.08 70.72 -0.74
N GLU B 280 0.72 71.87 -1.28
CA GLU B 280 -0.13 71.93 -2.45
C GLU B 280 0.61 71.36 -3.66
N ILE B 281 -0.09 70.55 -4.46
CA ILE B 281 0.54 69.90 -5.60
C ILE B 281 0.90 70.93 -6.66
N SER B 282 1.93 70.63 -7.45
CA SER B 282 2.41 71.51 -8.50
C SER B 282 2.19 70.84 -9.85
N ASN B 283 1.60 71.59 -10.79
CA ASN B 283 1.27 71.00 -12.08
C ASN B 283 2.53 70.58 -12.82
N SER B 284 3.60 71.37 -12.70
CA SER B 284 4.91 71.13 -13.31
C SER B 284 4.79 70.59 -14.75
N SER B 285 5.16 69.32 -14.95
CA SER B 285 5.24 68.75 -16.29
C SER B 285 3.87 68.61 -16.96
N GLY B 286 2.78 68.86 -16.24
CA GLY B 286 1.47 68.78 -16.84
C GLY B 286 0.87 67.40 -16.91
N ARG B 287 1.42 66.44 -16.18
CA ARG B 287 0.88 65.08 -16.17
C ARG B 287 -0.32 64.94 -15.25
N PHE B 288 -0.58 65.90 -14.38
CA PHE B 288 -1.67 65.83 -13.43
C PHE B 288 -2.94 66.40 -14.05
N PHE B 289 -3.98 65.57 -14.11
CA PHE B 289 -5.29 65.99 -14.60
C PHE B 289 -6.26 65.96 -13.41
N ILE B 290 -6.74 67.13 -12.99
CA ILE B 290 -7.66 67.24 -11.87
C ILE B 290 -9.03 67.60 -12.42
N THR B 291 -10.01 66.74 -12.16
CA THR B 291 -11.38 66.95 -12.59
C THR B 291 -12.26 67.15 -11.38
N ASN B 292 -13.08 68.19 -11.40
CA ASN B 292 -13.98 68.53 -10.31
C ASN B 292 -15.42 68.54 -10.82
N LYS B 293 -16.34 68.13 -9.96
CA LYS B 293 -17.75 68.07 -10.30
C LYS B 293 -18.55 68.47 -9.07
N GLU B 294 -19.88 68.33 -9.18
CA GLU B 294 -20.76 68.72 -8.08
C GLU B 294 -20.54 67.86 -6.84
N ASN B 295 -20.34 66.56 -7.02
CA ASN B 295 -20.05 65.69 -5.87
C ASN B 295 -18.78 64.87 -6.03
N TYR B 296 -18.26 64.72 -7.24
CA TYR B 296 -17.16 63.82 -7.54
C TYR B 296 -15.92 64.61 -7.96
N THR B 297 -14.76 64.14 -7.53
CA THR B 297 -13.49 64.70 -7.94
C THR B 297 -12.54 63.56 -8.24
N GLU B 298 -11.55 63.84 -9.10
CA GLU B 298 -10.55 62.83 -9.40
C GLU B 298 -9.25 63.49 -9.81
N LEU B 299 -8.16 62.79 -9.54
CA LEU B 299 -6.81 63.19 -9.90
C LEU B 299 -6.18 62.05 -10.68
N SER B 300 -5.65 62.35 -11.85
CA SER B 300 -5.06 61.34 -12.73
C SER B 300 -3.62 61.73 -13.05
N ILE B 301 -2.74 60.74 -13.05
CA ILE B 301 -1.33 60.92 -13.34
C ILE B 301 -0.96 60.01 -14.50
N VAL B 302 -0.23 60.59 -15.47
CA VAL B 302 0.22 59.86 -16.66
C VAL B 302 1.73 59.74 -16.60
N ASN B 303 2.26 58.67 -17.20
CA ASN B 303 3.69 58.41 -17.28
C ASN B 303 4.33 58.44 -15.89
N LEU B 304 3.92 57.46 -15.07
CA LEU B 304 4.34 57.40 -13.69
C LEU B 304 5.85 57.24 -13.57
N GLN B 305 6.49 58.10 -12.77
CA GLN B 305 7.89 58.00 -12.46
C GLN B 305 8.09 57.17 -11.19
N ILE B 306 9.30 57.16 -10.66
CA ILE B 306 9.62 56.41 -9.45
C ILE B 306 10.09 57.27 -8.30
N THR B 307 10.46 58.53 -8.53
CA THR B 307 11.10 59.32 -7.49
C THR B 307 10.21 60.42 -6.91
N GLU B 308 9.18 60.87 -7.62
CA GLU B 308 8.27 61.86 -7.07
C GLU B 308 6.88 61.30 -6.76
N ASP B 309 6.35 60.45 -7.64
CA ASP B 309 4.96 60.03 -7.53
C ASP B 309 4.65 59.27 -6.24
N PRO B 310 5.44 58.30 -5.80
CA PRO B 310 5.09 57.58 -4.57
C PRO B 310 4.97 58.51 -3.37
N GLY B 311 3.97 58.25 -2.54
CA GLY B 311 3.72 59.10 -1.39
C GLY B 311 2.28 58.97 -0.93
N GLU B 312 1.78 60.05 -0.32
CA GLU B 312 0.43 60.10 0.20
C GLU B 312 -0.26 61.36 -0.29
N TYR B 313 -1.44 61.21 -0.86
CA TYR B 313 -2.21 62.32 -1.41
C TYR B 313 -3.51 62.48 -0.63
N GLU B 314 -3.87 63.72 -0.34
CA GLU B 314 -5.02 64.03 0.49
C GLU B 314 -5.98 64.95 -0.25
N CYS B 315 -7.26 64.66 -0.14
CA CYS B 315 -8.31 65.51 -0.69
C CYS B 315 -9.09 66.15 0.46
N ASN B 316 -9.36 67.46 0.33
CA ASN B 316 -9.69 68.26 1.50
C ASN B 316 -11.12 68.80 1.56
N ALA B 317 -11.80 68.99 0.42
CA ALA B 317 -13.26 69.09 0.40
C ALA B 317 -13.85 70.08 1.41
N THR B 318 -13.71 71.38 1.16
CA THR B 318 -14.20 72.38 2.10
C THR B 318 -15.45 73.09 1.58
N ASN B 319 -16.30 73.51 2.52
CA ASN B 319 -17.51 74.26 2.21
C ASN B 319 -17.80 75.23 3.36
N SER B 320 -18.92 75.96 3.24
CA SER B 320 -19.22 77.00 4.23
C SER B 320 -19.47 76.43 5.61
N ILE B 321 -20.21 75.32 5.71
CA ILE B 321 -20.53 74.75 7.02
C ILE B 321 -19.29 74.15 7.67
N GLY B 322 -18.54 73.37 6.91
CA GLY B 322 -17.36 72.71 7.44
C GLY B 322 -16.46 72.23 6.33
N SER B 323 -15.52 71.36 6.69
CA SER B 323 -14.61 70.77 5.74
C SER B 323 -14.30 69.34 6.15
N ALA B 324 -13.93 68.51 5.19
CA ALA B 324 -13.59 67.13 5.52
C ALA B 324 -12.56 66.61 4.53
N SER B 325 -11.54 65.93 5.05
CA SER B 325 -10.42 65.48 4.24
C SER B 325 -10.12 64.01 4.50
N VAL B 326 -9.69 63.31 3.45
CA VAL B 326 -9.25 61.93 3.54
C VAL B 326 -7.99 61.76 2.70
N SER B 327 -7.37 60.59 2.83
CA SER B 327 -6.05 60.35 2.28
C SER B 327 -6.02 59.04 1.48
N THR B 328 -4.97 58.92 0.67
CA THR B 328 -4.74 57.75 -0.17
C THR B 328 -3.24 57.58 -0.35
N VAL B 329 -2.78 56.34 -0.41
CA VAL B 329 -1.36 56.01 -0.53
C VAL B 329 -1.09 55.54 -1.96
N LEU B 330 -0.07 56.10 -2.58
CA LEU B 330 0.35 55.73 -3.92
C LEU B 330 1.74 55.13 -3.88
N ARG B 331 1.89 53.94 -4.44
CA ARG B 331 3.17 53.25 -4.54
C ARG B 331 3.39 52.77 -5.97
N VAL B 332 4.61 52.92 -6.46
CA VAL B 332 4.96 52.57 -7.83
C VAL B 332 5.97 51.44 -7.78
N ARG B 333 5.73 50.39 -8.56
CA ARG B 333 6.55 49.19 -8.54
C ARG B 333 7.68 49.29 -9.55
N SER B 334 8.85 48.75 -9.19
CA SER B 334 9.99 48.76 -10.07
C SER B 334 9.85 47.73 -11.18
N HIS B 335 10.51 47.99 -12.31
CA HIS B 335 10.44 47.06 -13.43
C HIS B 335 11.29 45.82 -13.18
N LEU B 336 12.49 45.99 -12.64
CA LEU B 336 13.41 44.88 -12.42
C LEU B 336 13.30 44.28 -11.02
N ALA B 337 12.14 44.42 -10.38
CA ALA B 337 11.94 43.78 -9.08
C ALA B 337 12.04 42.25 -9.14
N PRO B 338 11.43 41.55 -10.10
CA PRO B 338 11.46 40.08 -10.05
C PRO B 338 12.84 39.47 -10.15
N LEU B 339 13.85 40.23 -10.60
CA LEU B 339 15.16 39.64 -10.80
C LEU B 339 15.80 39.21 -9.49
N TRP B 340 15.63 40.00 -8.42
CA TRP B 340 16.31 39.68 -7.16
C TRP B 340 15.88 38.34 -6.57
N PRO B 341 14.59 38.06 -6.39
CA PRO B 341 14.22 36.73 -5.85
C PRO B 341 14.64 35.59 -6.76
N PHE B 342 14.68 35.81 -8.07
CA PHE B 342 15.20 34.78 -8.96
C PHE B 342 16.67 34.49 -8.67
N LEU B 343 17.44 35.55 -8.41
CA LEU B 343 18.84 35.35 -8.03
C LEU B 343 18.92 34.62 -6.69
N GLY B 344 17.99 34.89 -5.79
CA GLY B 344 17.96 34.15 -4.52
C GLY B 344 17.71 32.67 -4.72
N ILE B 345 16.75 32.33 -5.58
CA ILE B 345 16.47 30.93 -5.88
C ILE B 345 17.69 30.28 -6.52
N LEU B 346 18.35 30.99 -7.43
CA LEU B 346 19.56 30.45 -8.05
C LEU B 346 20.64 30.19 -7.02
N ALA B 347 20.82 31.13 -6.07
CA ALA B 347 21.84 30.94 -5.04
C ALA B 347 21.51 29.75 -4.16
N GLU B 348 20.25 29.58 -3.79
CA GLU B 348 19.88 28.42 -2.97
C GLU B 348 20.10 27.11 -3.71
N ILE B 349 19.76 27.07 -5.00
CA ILE B 349 20.02 25.87 -5.78
C ILE B 349 21.52 25.58 -5.81
N ILE B 350 22.34 26.62 -5.99
CA ILE B 350 23.78 26.45 -6.04
C ILE B 350 24.30 25.86 -4.73
N ILE B 351 23.90 26.44 -3.60
CA ILE B 351 24.43 25.98 -2.32
C ILE B 351 23.93 24.58 -2.00
N LEU B 352 22.67 24.29 -2.34
CA LEU B 352 22.12 22.96 -2.09
C LEU B 352 22.87 21.89 -2.90
N VAL B 353 23.10 22.17 -4.19
CA VAL B 353 23.80 21.20 -5.02
C VAL B 353 25.25 21.05 -4.57
N VAL B 354 25.87 22.14 -4.10
CA VAL B 354 27.24 22.03 -3.60
C VAL B 354 27.28 21.13 -2.38
N ILE B 355 26.35 21.32 -1.45
CA ILE B 355 26.31 20.48 -0.26
C ILE B 355 26.09 19.02 -0.65
N ILE B 356 25.16 18.77 -1.57
CA ILE B 356 24.84 17.38 -1.93
C ILE B 356 26.05 16.71 -2.60
N VAL B 357 26.72 17.41 -3.52
CA VAL B 357 27.85 16.80 -4.20
C VAL B 357 29.03 16.62 -3.26
N VAL B 358 29.20 17.51 -2.28
CA VAL B 358 30.26 17.32 -1.29
C VAL B 358 29.95 16.12 -0.41
N TYR B 359 28.67 15.90 -0.10
CA TYR B 359 28.30 14.77 0.75
C TYR B 359 28.69 13.45 0.12
N GLU B 360 28.49 13.31 -1.19
CA GLU B 360 28.85 12.08 -1.89
C GLU B 360 30.37 11.88 -1.90
C21 KXP C . 2.20 15.27 17.28
C22 KXP C . 3.56 15.19 18.21
C18 KXP C . 0.18 16.64 17.34
C23 KXP C . 3.62 13.89 18.88
C29 KXP C . 2.77 10.59 21.67
C30 KXP C . 3.97 9.71 21.09
C31 KXP C . 4.59 8.83 22.17
C32 KXP C . 3.50 7.98 22.80
C33 KXP C . 2.45 8.92 23.48
C34 KXP C . 1.76 9.76 22.38
C49 KXP C . 5.89 15.91 18.04
O20 KXP C . 1.58 16.63 17.45
O24 KXP C . 2.37 13.40 19.13
O26 KXP C . 0.75 13.41 21.01
O27 KXP C . 2.99 13.50 21.52
O28 KXP C . 2.10 11.23 20.59
O35 KXP C . 0.75 10.63 22.98
O36 KXP C . 1.49 8.14 24.13
O38 KXP C . 1.77 6.77 26.36
O39 KXP C . 0.21 8.45 26.39
O40 KXP C . 2.46 9.00 26.46
O41 KXP C . 4.03 7.10 23.77
O43 KXP C . 5.44 6.78 25.95
O44 KXP C . 6.69 7.37 24.14
O45 KXP C . 5.34 8.86 25.23
O46 KXP C . 5.62 7.96 21.59
O47 KXP C . 3.46 8.87 20.07
O48 KXP C . 4.76 15.42 17.41
O50 KXP C . 7.09 16.41 18.71
P25 KXP C . 2.04 12.90 20.54
P37 KXP C . 1.47 8.08 25.79
P42 KXP C . 5.35 7.54 24.78
C1 KXP C . -0.69 17.42 18.32
C2 KXP C . -1.89 18.04 17.62
C4 KXP C . -2.10 19.48 18.13
C5 KXP C . -1.67 19.61 19.62
C3 KXP C . -0.80 20.83 19.80
C6 KXP C . -0.06 21.82 19.94
O1 KXP C . -0.33 16.01 16.51
C1 NAG D . -1.80 70.64 -15.63
C2 NAG D . -3.30 70.98 -15.72
C3 NAG D . -3.88 70.02 -16.74
C4 NAG D . -3.23 70.34 -18.09
C5 NAG D . -1.69 70.34 -17.98
C6 NAG D . -1.01 70.93 -19.21
C7 NAG D . -3.88 70.48 -13.27
C8 NAG D . -4.97 70.84 -12.29
N2 NAG D . -4.06 71.03 -14.49
O3 NAG D . -5.27 70.17 -16.77
O4 NAG D . -3.70 69.38 -19.01
O5 NAG D . -1.23 71.06 -16.84
O6 NAG D . -1.51 70.35 -20.38
O7 NAG D . -2.96 69.76 -12.92
C1 NAG E . -23.80 62.96 -7.77
C2 NAG E . -24.31 61.63 -7.23
C3 NAG E . -24.88 60.80 -8.38
C4 NAG E . -26.00 61.61 -9.03
C5 NAG E . -25.49 63.00 -9.41
C6 NAG E . -26.57 63.87 -10.01
C7 NAG E . -23.18 60.82 -5.18
C8 NAG E . -24.27 61.52 -4.41
N2 NAG E . -23.27 60.91 -6.53
O3 NAG E . -25.35 59.59 -7.86
O4 NAG E . -26.44 60.87 -10.14
O5 NAG E . -24.90 63.66 -8.29
O6 NAG E . -26.96 63.37 -11.27
O7 NAG E . -22.29 60.21 -4.62
C1 NAG F . -8.97 71.73 4.61
C2 NAG F . -8.61 71.44 6.08
C3 NAG F . -8.93 72.67 6.91
C4 NAG F . -8.16 73.87 6.37
C5 NAG F . -8.50 74.07 4.90
C6 NAG F . -7.66 75.14 4.25
C7 NAG F . -10.17 69.41 6.32
C8 NAG F . -10.50 68.38 7.36
N2 NAG F . -9.23 70.29 6.71
O3 NAG F . -8.59 72.40 8.24
O4 NAG F . -8.52 74.99 7.15
O5 NAG F . -8.26 72.87 4.19
O6 NAG F . -6.30 74.76 4.30
O7 NAG F . -10.74 69.40 5.24
C1 NAG G . -48.62 76.38 6.87
C2 NAG G . -49.37 77.34 7.79
C3 NAG G . -49.78 76.60 9.07
C4 NAG G . -50.58 75.35 8.70
C5 NAG G . -49.80 74.51 7.68
C6 NAG G . -50.56 73.28 7.22
C7 NAG G . -48.82 79.73 7.61
C8 NAG G . -47.86 80.80 8.05
N2 NAG G . -48.57 78.50 8.09
O3 NAG G . -50.51 77.48 9.87
O4 NAG G . -50.81 74.65 9.90
O5 NAG G . -49.46 75.29 6.56
O6 NAG G . -51.85 73.64 6.84
O7 NAG G . -49.77 79.98 6.87
C1 NAG H . -38.33 76.16 -10.43
C2 NAG H . -37.09 75.27 -10.52
C3 NAG H . -35.84 76.11 -10.31
C4 NAG H . -35.81 77.26 -11.30
C5 NAG H . -37.12 78.05 -11.21
C6 NAG H . -37.23 79.19 -12.20
C7 NAG H . -36.95 72.90 -9.91
C8 NAG H . -37.07 71.91 -8.78
N2 NAG H . -37.16 74.19 -9.58
O3 NAG H . -34.72 75.27 -10.44
O4 NAG H . -34.69 78.06 -10.99
O5 NAG H . -38.22 77.18 -11.41
O6 NAG H . -36.27 80.18 -11.90
O7 NAG H . -36.67 72.54 -11.05
C1 NAG I . -57.57 70.60 -3.14
C2 NAG I . -57.27 71.10 -4.55
C3 NAG I . -57.77 72.53 -4.67
C4 NAG I . -59.25 72.58 -4.31
C5 NAG I . -59.49 71.92 -2.95
C6 NAG I . -60.94 71.86 -2.54
C7 NAG I . -55.31 69.95 -5.53
C8 NAG I . -56.28 68.96 -6.14
N2 NAG I . -55.85 70.95 -4.79
O3 NAG I . -57.52 72.99 -5.98
O4 NAG I . -59.63 73.93 -4.30
O5 NAG I . -58.96 70.59 -2.95
O6 NAG I . -61.68 71.12 -3.49
O7 NAG I . -54.10 69.84 -5.71
#